data_1ANS
#
_entry.id   1ANS
#
_cell.length_a   1.000
_cell.length_b   1.000
_cell.length_c   1.000
_cell.angle_alpha   90.00
_cell.angle_beta   90.00
_cell.angle_gamma   90.00
#
_symmetry.space_group_name_H-M   'P 1'
#
_entity_poly.entity_id   1
_entity_poly.type   'polypeptide(L)'
_entity_poly.pdbx_seq_one_letter_code
;RSCCPCYWGGCPWGQNCYPEGCSGPKV
;
_entity_poly.pdbx_strand_id   A
#
# COMPACT_ATOMS: atom_id res chain seq x y z
N ARG A 1 -9.18 4.51 -4.02
CA ARG A 1 -9.08 3.25 -3.24
C ARG A 1 -8.12 3.44 -2.07
N SER A 2 -8.43 2.88 -0.93
CA SER A 2 -7.54 3.04 0.25
C SER A 2 -6.17 2.43 -0.06
N CYS A 3 -5.64 1.59 0.81
CA CYS A 3 -4.33 0.95 0.56
C CYS A 3 -3.37 1.95 -0.08
N CYS A 4 -2.57 2.56 0.74
CA CYS A 4 -1.56 3.53 0.26
C CYS A 4 -0.64 2.82 -0.75
N PRO A 5 0.22 3.58 -1.41
CA PRO A 5 1.15 3.00 -2.40
C PRO A 5 2.23 2.18 -1.71
N CYS A 6 2.97 1.40 -2.45
CA CYS A 6 4.00 0.53 -1.82
C CYS A 6 5.01 1.36 -1.01
N TYR A 7 5.85 2.13 -1.66
CA TYR A 7 6.86 2.93 -0.92
C TYR A 7 6.23 3.58 0.30
N TRP A 8 5.01 4.00 0.18
CA TRP A 8 4.37 4.66 1.32
C TRP A 8 3.14 3.87 1.78
N GLY A 9 3.33 2.66 2.25
CA GLY A 9 2.17 1.83 2.69
C GLY A 9 1.66 2.29 4.06
N GLY A 10 2.12 3.41 4.55
CA GLY A 10 1.64 3.89 5.87
C GLY A 10 1.12 5.31 5.75
N CYS A 11 0.63 5.65 4.60
CA CYS A 11 0.12 7.02 4.35
C CYS A 11 -1.30 7.21 4.93
N PRO A 12 -1.80 8.42 4.79
CA PRO A 12 -3.12 8.83 5.33
C PRO A 12 -4.30 8.30 4.50
N TRP A 13 -4.30 8.52 3.21
CA TRP A 13 -5.45 8.06 2.38
C TRP A 13 -5.37 6.57 2.08
N GLY A 14 -4.86 5.77 2.99
CA GLY A 14 -4.78 4.31 2.72
C GLY A 14 -4.10 3.59 3.87
N GLN A 15 -3.76 2.35 3.69
CA GLN A 15 -3.11 1.58 4.77
C GLN A 15 -1.80 0.97 4.25
N ASN A 16 -1.45 -0.20 4.72
CA ASN A 16 -0.20 -0.87 4.26
C ASN A 16 -0.57 -2.05 3.37
N CYS A 17 -1.22 -1.79 2.28
CA CYS A 17 -1.61 -2.89 1.37
C CYS A 17 -0.48 -3.20 0.39
N TYR A 18 0.56 -2.42 0.41
CA TYR A 18 1.68 -2.67 -0.53
C TYR A 18 3.01 -2.66 0.24
N PRO A 19 3.13 -3.55 1.19
CA PRO A 19 4.35 -3.67 2.01
C PRO A 19 5.44 -4.42 1.24
N GLU A 20 5.06 -5.39 0.46
CA GLU A 20 6.09 -6.16 -0.31
C GLU A 20 5.62 -6.37 -1.76
N GLY A 21 5.21 -5.31 -2.41
CA GLY A 21 4.76 -5.44 -3.82
C GLY A 21 4.16 -4.12 -4.28
N CYS A 22 4.85 -3.46 -5.13
CA CYS A 22 4.39 -2.16 -5.68
C CYS A 22 3.26 -2.38 -6.68
N SER A 23 3.06 -3.58 -7.09
CA SER A 23 1.99 -3.84 -8.10
C SER A 23 1.32 -5.20 -7.85
N GLY A 24 1.63 -5.86 -6.77
CA GLY A 24 0.99 -7.18 -6.51
C GLY A 24 -0.51 -6.97 -6.37
N PRO A 25 -1.12 -7.70 -5.47
CA PRO A 25 -2.57 -7.59 -5.22
C PRO A 25 -2.83 -6.34 -4.39
N LYS A 26 -4.00 -6.22 -3.83
CA LYS A 26 -4.27 -5.03 -3.00
C LYS A 26 -3.26 -5.01 -1.85
N VAL A 27 -3.37 -5.94 -0.93
CA VAL A 27 -2.42 -5.98 0.21
C VAL A 27 -1.11 -6.63 -0.25
N ARG A 1 -9.80 2.71 -3.40
CA ARG A 1 -9.66 1.73 -2.28
C ARG A 1 -8.71 2.30 -1.22
N SER A 2 -8.82 1.85 -0.01
CA SER A 2 -7.92 2.37 1.06
C SER A 2 -6.64 1.56 1.09
N CYS A 3 -5.70 1.88 0.22
CA CYS A 3 -4.43 1.13 0.16
C CYS A 3 -3.32 2.07 -0.28
N CYS A 4 -2.63 2.65 0.66
CA CYS A 4 -1.52 3.58 0.34
C CYS A 4 -0.68 2.99 -0.81
N PRO A 5 0.16 3.80 -1.39
CA PRO A 5 1.02 3.36 -2.51
C PRO A 5 2.20 2.51 -2.01
N CYS A 6 2.73 1.65 -2.85
CA CYS A 6 3.86 0.78 -2.40
C CYS A 6 4.97 1.62 -1.77
N TYR A 7 5.68 2.38 -2.56
CA TYR A 7 6.79 3.21 -1.98
C TYR A 7 6.36 3.78 -0.65
N TRP A 8 5.10 4.02 -0.49
CA TRP A 8 4.65 4.60 0.78
C TRP A 8 3.35 3.91 1.23
N GLY A 9 3.43 2.68 1.67
CA GLY A 9 2.18 1.94 2.09
C GLY A 9 1.72 2.39 3.49
N GLY A 10 2.62 2.82 4.33
CA GLY A 10 2.22 3.24 5.69
C GLY A 10 1.68 4.68 5.67
N CYS A 11 1.39 5.19 4.52
CA CYS A 11 0.89 6.58 4.42
C CYS A 11 -0.48 6.72 5.13
N PRO A 12 -0.96 7.95 5.20
CA PRO A 12 -2.23 8.29 5.90
C PRO A 12 -3.46 7.83 5.12
N TRP A 13 -3.65 8.29 3.91
CA TRP A 13 -4.87 7.88 3.15
C TRP A 13 -4.72 6.43 2.69
N GLY A 14 -5.69 5.61 2.99
CA GLY A 14 -5.63 4.19 2.56
C GLY A 14 -5.07 3.33 3.68
N GLN A 15 -4.67 2.13 3.36
CA GLN A 15 -4.11 1.22 4.39
C GLN A 15 -2.72 0.74 3.98
N ASN A 16 -2.33 -0.42 4.42
CA ASN A 16 -1.00 -0.96 4.08
C ASN A 16 -1.20 -2.11 3.10
N CYS A 17 -1.68 -1.81 1.94
CA CYS A 17 -1.93 -2.87 0.93
C CYS A 17 -0.67 -3.12 0.12
N TYR A 18 0.36 -2.38 0.39
CA TYR A 18 1.64 -2.56 -0.35
C TYR A 18 2.79 -2.57 0.67
N PRO A 19 2.76 -3.55 1.54
CA PRO A 19 3.78 -3.70 2.59
C PRO A 19 5.05 -4.32 2.02
N GLU A 20 4.91 -5.16 1.03
CA GLU A 20 6.11 -5.80 0.42
C GLU A 20 6.63 -4.91 -0.69
N GLY A 21 5.86 -4.78 -1.71
CA GLY A 21 6.24 -3.93 -2.84
C GLY A 21 4.97 -3.30 -3.36
N CYS A 22 4.83 -3.29 -4.63
CA CYS A 22 3.62 -2.71 -5.27
C CYS A 22 2.56 -3.81 -5.39
N SER A 23 3.00 -5.02 -5.34
CA SER A 23 2.05 -6.18 -5.43
C SER A 23 1.06 -5.93 -6.55
N GLY A 24 1.56 -5.69 -7.74
CA GLY A 24 0.66 -5.44 -8.91
C GLY A 24 -0.56 -4.61 -8.47
N PRO A 25 -1.65 -5.29 -8.21
CA PRO A 25 -2.90 -4.65 -7.76
C PRO A 25 -2.80 -4.19 -6.30
N LYS A 26 -3.93 -3.97 -5.68
CA LYS A 26 -3.94 -3.52 -4.27
C LYS A 26 -2.85 -4.23 -3.46
N VAL A 27 -3.00 -5.50 -3.20
CA VAL A 27 -1.96 -6.23 -2.41
C VAL A 27 -1.32 -7.30 -3.29
N ARG A 1 -10.97 1.18 1.65
CA ARG A 1 -9.75 0.43 1.26
C ARG A 1 -8.96 1.23 0.21
N SER A 2 -8.30 2.27 0.63
CA SER A 2 -7.52 3.10 -0.33
C SER A 2 -6.13 2.48 -0.51
N CYS A 3 -5.68 1.70 0.44
CA CYS A 3 -4.35 1.07 0.35
C CYS A 3 -3.34 2.05 -0.22
N CYS A 4 -2.60 2.67 0.65
CA CYS A 4 -1.57 3.63 0.22
C CYS A 4 -0.63 2.93 -0.77
N PRO A 5 0.22 3.68 -1.43
CA PRO A 5 1.17 3.11 -2.41
C PRO A 5 2.27 2.30 -1.71
N CYS A 6 2.86 1.38 -2.41
CA CYS A 6 3.92 0.52 -1.81
C CYS A 6 4.96 1.37 -1.06
N TYR A 7 5.75 2.13 -1.76
CA TYR A 7 6.78 2.96 -1.07
C TYR A 7 6.19 3.60 0.17
N TRP A 8 4.96 3.98 0.11
CA TRP A 8 4.35 4.61 1.29
C TRP A 8 3.10 3.84 1.72
N GLY A 9 3.26 2.62 2.15
CA GLY A 9 2.07 1.81 2.56
C GLY A 9 1.57 2.23 3.95
N GLY A 10 2.11 3.28 4.50
CA GLY A 10 1.65 3.72 5.84
C GLY A 10 1.15 5.16 5.77
N CYS A 11 0.66 5.54 4.63
CA CYS A 11 0.18 6.93 4.44
C CYS A 11 -1.22 7.13 5.05
N PRO A 12 -1.70 8.35 4.97
CA PRO A 12 -3.01 8.76 5.54
C PRO A 12 -4.20 8.30 4.69
N TRP A 13 -4.22 8.58 3.41
CA TRP A 13 -5.39 8.18 2.58
C TRP A 13 -5.35 6.70 2.21
N GLY A 14 -4.85 5.86 3.07
CA GLY A 14 -4.82 4.41 2.72
C GLY A 14 -4.13 3.61 3.82
N GLN A 15 -3.88 2.35 3.57
CA GLN A 15 -3.23 1.50 4.60
C GLN A 15 -1.91 0.93 4.07
N ASN A 16 -1.55 -0.24 4.52
CA ASN A 16 -0.29 -0.88 4.07
C ASN A 16 -0.62 -2.06 3.17
N CYS A 17 -1.23 -1.81 2.06
CA CYS A 17 -1.60 -2.91 1.16
C CYS A 17 -0.45 -3.24 0.22
N TYR A 18 0.68 -2.62 0.41
CA TYR A 18 1.83 -2.88 -0.49
C TYR A 18 3.14 -2.72 0.27
N PRO A 19 3.32 -3.54 1.27
CA PRO A 19 4.55 -3.51 2.09
C PRO A 19 5.68 -4.23 1.35
N GLU A 20 5.34 -5.24 0.60
CA GLU A 20 6.37 -5.99 -0.16
C GLU A 20 5.84 -6.28 -1.56
N GLY A 21 5.41 -5.27 -2.26
CA GLY A 21 4.88 -5.46 -3.63
C GLY A 21 4.09 -4.22 -4.04
N CYS A 22 4.60 -3.54 -5.00
CA CYS A 22 3.96 -2.30 -5.51
C CYS A 22 2.65 -2.62 -6.24
N SER A 23 2.40 -3.85 -6.51
CA SER A 23 1.13 -4.20 -7.23
C SER A 23 0.89 -5.71 -7.21
N GLY A 24 1.88 -6.50 -7.58
CA GLY A 24 1.70 -7.98 -7.60
C GLY A 24 0.86 -8.42 -6.39
N PRO A 25 1.53 -8.64 -5.29
CA PRO A 25 0.90 -9.07 -4.04
C PRO A 25 0.19 -7.91 -3.34
N LYS A 26 -0.07 -8.07 -2.08
CA LYS A 26 -0.74 -7.00 -1.30
C LYS A 26 -0.84 -7.42 0.16
N VAL A 27 -0.28 -6.64 1.05
CA VAL A 27 -0.35 -7.00 2.50
C VAL A 27 -0.65 -5.77 3.34
N ARG A 1 -12.04 2.32 1.39
CA ARG A 1 -10.61 1.94 1.56
C ARG A 1 -9.74 2.83 0.67
N SER A 2 -8.51 2.45 0.46
CA SER A 2 -7.61 3.29 -0.39
C SER A 2 -6.24 2.61 -0.51
N CYS A 3 -5.85 1.85 0.47
CA CYS A 3 -4.55 1.15 0.42
C CYS A 3 -3.48 2.07 -0.15
N CYS A 4 -2.75 2.71 0.72
CA CYS A 4 -1.65 3.61 0.29
C CYS A 4 -0.81 2.90 -0.79
N PRO A 5 0.11 3.61 -1.41
CA PRO A 5 0.95 3.03 -2.47
C PRO A 5 1.95 2.02 -1.88
N CYS A 6 2.67 1.33 -2.73
CA CYS A 6 3.63 0.30 -2.25
C CYS A 6 4.79 0.95 -1.48
N TYR A 7 5.32 2.04 -1.98
CA TYR A 7 6.47 2.69 -1.30
C TYR A 7 6.01 3.30 0.01
N TRP A 8 4.84 3.86 0.03
CA TRP A 8 4.38 4.51 1.28
C TRP A 8 3.08 3.87 1.76
N GLY A 9 3.11 2.62 2.11
CA GLY A 9 1.86 1.93 2.58
C GLY A 9 1.41 2.49 3.94
N GLY A 10 2.28 3.09 4.70
CA GLY A 10 1.87 3.63 6.02
C GLY A 10 1.37 5.06 5.89
N CYS A 11 0.86 5.42 4.75
CA CYS A 11 0.39 6.80 4.54
C CYS A 11 -1.02 7.02 5.14
N PRO A 12 -1.45 8.27 5.12
CA PRO A 12 -2.74 8.71 5.71
C PRO A 12 -3.98 8.34 4.86
N TRP A 13 -3.99 8.67 3.60
CA TRP A 13 -5.20 8.38 2.76
C TRP A 13 -5.27 6.89 2.38
N GLY A 14 -4.82 6.00 3.20
CA GLY A 14 -4.91 4.57 2.82
C GLY A 14 -4.25 3.70 3.90
N GLN A 15 -4.06 2.44 3.62
CA GLN A 15 -3.45 1.53 4.61
C GLN A 15 -2.15 0.95 4.04
N ASN A 16 -1.75 -0.19 4.55
CA ASN A 16 -0.52 -0.84 4.07
C ASN A 16 -0.91 -2.06 3.25
N CYS A 17 -1.49 -1.83 2.12
CA CYS A 17 -1.94 -2.95 1.27
C CYS A 17 -0.79 -3.40 0.36
N TYR A 18 0.32 -2.72 0.42
CA TYR A 18 1.48 -3.11 -0.43
C TYR A 18 2.78 -2.65 0.26
N PRO A 19 3.25 -3.46 1.17
CA PRO A 19 4.50 -3.17 1.91
C PRO A 19 5.71 -3.47 1.03
N GLU A 20 5.67 -4.58 0.33
CA GLU A 20 6.81 -4.94 -0.56
C GLU A 20 6.25 -5.48 -1.88
N GLY A 21 4.97 -5.28 -2.10
CA GLY A 21 4.34 -5.78 -3.35
C GLY A 21 4.36 -4.70 -4.41
N CYS A 22 5.27 -3.81 -4.28
CA CYS A 22 5.42 -2.69 -5.24
C CYS A 22 5.08 -3.15 -6.64
N SER A 23 5.34 -4.38 -6.92
CA SER A 23 5.05 -4.94 -8.27
C SER A 23 3.99 -6.05 -8.15
N GLY A 24 3.87 -6.63 -6.98
CA GLY A 24 2.87 -7.72 -6.80
C GLY A 24 1.53 -7.11 -6.38
N PRO A 25 0.59 -7.97 -6.05
CA PRO A 25 -0.76 -7.55 -5.63
C PRO A 25 -0.75 -7.09 -4.18
N LYS A 26 -1.90 -7.06 -3.57
CA LYS A 26 -1.99 -6.62 -2.15
C LYS A 26 -1.10 -7.53 -1.29
N VAL A 27 -1.00 -7.23 -0.01
CA VAL A 27 -0.16 -8.08 0.88
C VAL A 27 -1.00 -9.21 1.46
N ARG A 1 -8.95 0.82 -3.72
CA ARG A 1 -9.67 1.92 -3.00
C ARG A 1 -8.66 2.68 -2.12
N SER A 2 -8.51 2.28 -0.89
CA SER A 2 -7.55 2.99 0.00
C SER A 2 -6.14 2.43 -0.24
N CYS A 3 -5.66 1.59 0.65
CA CYS A 3 -4.31 0.98 0.50
C CYS A 3 -3.35 1.98 -0.12
N CYS A 4 -2.61 2.63 0.72
CA CYS A 4 -1.60 3.63 0.27
C CYS A 4 -0.67 2.95 -0.75
N PRO A 5 0.21 3.71 -1.36
CA PRO A 5 1.16 3.18 -2.37
C PRO A 5 2.23 2.32 -1.69
N CYS A 6 2.81 1.41 -2.42
CA CYS A 6 3.83 0.50 -1.83
C CYS A 6 4.88 1.29 -1.04
N TYR A 7 5.70 2.06 -1.71
CA TYR A 7 6.75 2.83 -1.00
C TYR A 7 6.16 3.48 0.24
N TRP A 8 4.96 3.92 0.15
CA TRP A 8 4.34 4.58 1.32
C TRP A 8 3.10 3.82 1.77
N GLY A 9 3.25 2.60 2.20
CA GLY A 9 2.07 1.79 2.63
C GLY A 9 1.56 2.25 4.01
N GLY A 10 2.09 3.31 4.54
CA GLY A 10 1.63 3.78 5.87
C GLY A 10 1.12 5.22 5.77
N CYS A 11 0.67 5.59 4.63
CA CYS A 11 0.20 6.97 4.41
C CYS A 11 -1.21 7.19 5.00
N PRO A 12 -1.70 8.42 4.88
CA PRO A 12 -3.00 8.84 5.43
C PRO A 12 -4.20 8.35 4.58
N TRP A 13 -4.19 8.61 3.30
CA TRP A 13 -5.36 8.20 2.46
C TRP A 13 -5.32 6.70 2.13
N GLY A 14 -4.82 5.88 3.01
CA GLY A 14 -4.79 4.43 2.69
C GLY A 14 -4.11 3.64 3.81
N GLN A 15 -3.85 2.38 3.58
CA GLN A 15 -3.21 1.55 4.63
C GLN A 15 -1.89 0.96 4.11
N ASN A 16 -1.51 -0.17 4.63
CA ASN A 16 -0.25 -0.83 4.19
C ASN A 16 -0.61 -2.06 3.37
N CYS A 17 -1.23 -1.87 2.25
CA CYS A 17 -1.65 -3.01 1.41
C CYS A 17 -0.51 -3.38 0.46
N TYR A 18 0.48 -2.55 0.39
CA TYR A 18 1.63 -2.81 -0.53
C TYR A 18 2.94 -2.71 0.28
N PRO A 19 3.14 -3.65 1.16
CA PRO A 19 4.33 -3.71 2.01
C PRO A 19 5.53 -4.26 1.24
N GLU A 20 5.34 -5.31 0.49
CA GLU A 20 6.47 -5.90 -0.27
C GLU A 20 6.04 -6.18 -1.72
N GLY A 21 5.44 -5.22 -2.36
CA GLY A 21 5.01 -5.42 -3.77
C GLY A 21 4.23 -4.21 -4.24
N CYS A 22 4.84 -3.45 -5.09
CA CYS A 22 4.20 -2.24 -5.65
C CYS A 22 3.03 -2.63 -6.54
N SER A 23 2.97 -3.88 -6.91
CA SER A 23 1.86 -4.35 -7.79
C SER A 23 1.22 -5.61 -7.20
N GLY A 24 1.90 -6.28 -6.30
CA GLY A 24 1.31 -7.52 -5.71
C GLY A 24 -0.10 -7.22 -5.21
N PRO A 25 -0.74 -8.21 -4.65
CA PRO A 25 -2.09 -8.08 -4.12
C PRO A 25 -2.08 -7.37 -2.77
N LYS A 26 -3.13 -7.53 -2.01
CA LYS A 26 -3.20 -6.87 -0.68
C LYS A 26 -2.39 -7.68 0.32
N VAL A 27 -2.22 -7.17 1.51
CA VAL A 27 -1.44 -7.92 2.54
C VAL A 27 -2.28 -9.07 3.08
N ARG A 1 -10.86 0.05 -0.22
CA ARG A 1 -9.47 -0.37 0.09
C ARG A 1 -8.48 0.71 -0.38
N SER A 2 -8.53 1.86 0.22
CA SER A 2 -7.60 2.95 -0.19
C SER A 2 -6.19 2.38 -0.38
N CYS A 3 -5.71 1.63 0.57
CA CYS A 3 -4.37 1.01 0.45
C CYS A 3 -3.38 2.01 -0.16
N CYS A 4 -2.64 2.65 0.69
CA CYS A 4 -1.62 3.63 0.23
C CYS A 4 -0.69 2.93 -0.77
N PRO A 5 0.18 3.68 -1.41
CA PRO A 5 1.12 3.11 -2.40
C PRO A 5 2.21 2.29 -1.71
N CYS A 6 2.83 1.38 -2.43
CA CYS A 6 3.87 0.51 -1.83
C CYS A 6 4.89 1.34 -1.04
N TYR A 7 5.73 2.08 -1.73
CA TYR A 7 6.77 2.90 -1.00
C TYR A 7 6.17 3.53 0.22
N TRP A 8 4.95 3.94 0.13
CA TRP A 8 4.33 4.60 1.31
C TRP A 8 3.07 3.84 1.74
N GLY A 9 3.23 2.61 2.17
CA GLY A 9 2.04 1.81 2.59
C GLY A 9 1.54 2.25 3.97
N GLY A 10 2.09 3.30 4.52
CA GLY A 10 1.63 3.76 5.86
C GLY A 10 1.14 5.19 5.77
N CYS A 11 0.67 5.57 4.61
CA CYS A 11 0.19 6.96 4.42
C CYS A 11 -1.21 7.17 5.01
N PRO A 12 -1.69 8.39 4.93
CA PRO A 12 -2.99 8.81 5.51
C PRO A 12 -4.19 8.35 4.68
N TRP A 13 -4.20 8.62 3.39
CA TRP A 13 -5.37 8.22 2.56
C TRP A 13 -5.34 6.73 2.22
N GLY A 14 -4.85 5.89 3.09
CA GLY A 14 -4.83 4.44 2.75
C GLY A 14 -4.12 3.63 3.85
N GLN A 15 -3.86 2.38 3.59
CA GLN A 15 -3.20 1.53 4.60
C GLN A 15 -1.88 0.97 4.06
N ASN A 16 -1.48 -0.18 4.54
CA ASN A 16 -0.21 -0.82 4.08
C ASN A 16 -0.57 -2.03 3.24
N CYS A 17 -1.20 -1.82 2.13
CA CYS A 17 -1.60 -2.96 1.28
C CYS A 17 -0.46 -3.31 0.31
N TYR A 18 0.62 -2.59 0.37
CA TYR A 18 1.75 -2.87 -0.54
C TYR A 18 3.09 -2.73 0.21
N PRO A 19 3.24 -3.53 1.23
CA PRO A 19 4.45 -3.53 2.05
C PRO A 19 5.58 -4.28 1.35
N GLU A 20 5.25 -5.26 0.54
CA GLU A 20 6.30 -6.03 -0.17
C GLU A 20 5.87 -6.29 -1.62
N GLY A 21 5.44 -5.28 -2.31
CA GLY A 21 5.01 -5.45 -3.72
C GLY A 21 4.23 -4.23 -4.17
N CYS A 22 4.82 -3.50 -5.06
CA CYS A 22 4.17 -2.28 -5.59
C CYS A 22 2.95 -2.67 -6.43
N SER A 23 2.87 -3.91 -6.79
CA SER A 23 1.72 -4.37 -7.62
C SER A 23 1.26 -5.75 -7.13
N GLY A 24 1.83 -6.24 -6.07
CA GLY A 24 1.40 -7.58 -5.56
C GLY A 24 -0.03 -7.47 -5.03
N PRO A 25 -0.42 -8.46 -4.26
CA PRO A 25 -1.77 -8.50 -3.66
C PRO A 25 -1.83 -7.60 -2.45
N LYS A 26 -2.81 -7.84 -1.61
CA LYS A 26 -2.94 -7.02 -0.39
C LYS A 26 -2.15 -7.66 0.75
N VAL A 27 -2.13 -7.04 1.91
CA VAL A 27 -1.37 -7.62 3.05
C VAL A 27 -2.14 -8.81 3.62
N ARG A 1 -8.41 0.77 -5.13
CA ARG A 1 -9.05 1.24 -3.88
C ARG A 1 -8.09 2.15 -3.11
N SER A 2 -8.27 2.30 -1.84
CA SER A 2 -7.36 3.17 -1.05
C SER A 2 -5.98 2.53 -0.96
N CYS A 3 -5.72 1.77 0.09
CA CYS A 3 -4.42 1.10 0.24
C CYS A 3 -3.29 1.99 -0.25
N CYS A 4 -2.67 2.68 0.66
CA CYS A 4 -1.54 3.59 0.32
C CYS A 4 -0.65 2.91 -0.73
N PRO A 5 0.22 3.68 -1.34
CA PRO A 5 1.16 3.16 -2.36
C PRO A 5 2.23 2.27 -1.71
N CYS A 6 2.88 1.46 -2.49
CA CYS A 6 3.90 0.54 -1.92
C CYS A 6 4.98 1.32 -1.14
N TYR A 7 5.84 2.02 -1.81
CA TYR A 7 6.91 2.76 -1.09
C TYR A 7 6.35 3.46 0.13
N TRP A 8 5.16 3.94 0.03
CA TRP A 8 4.57 4.65 1.18
C TRP A 8 3.25 4.00 1.59
N GLY A 9 3.27 2.78 2.04
CA GLY A 9 2.01 2.09 2.44
C GLY A 9 1.47 2.66 3.76
N GLY A 10 2.32 3.13 4.62
CA GLY A 10 1.85 3.68 5.92
C GLY A 10 1.27 5.09 5.75
N CYS A 11 1.11 5.53 4.54
CA CYS A 11 0.58 6.89 4.30
C CYS A 11 -0.81 7.05 4.94
N PRO A 12 -1.35 8.25 4.85
CA PRO A 12 -2.65 8.60 5.46
C PRO A 12 -3.84 8.02 4.68
N TRP A 13 -3.96 8.31 3.41
CA TRP A 13 -5.12 7.76 2.65
C TRP A 13 -4.90 6.27 2.39
N GLY A 14 -5.73 5.43 2.95
CA GLY A 14 -5.58 3.97 2.73
C GLY A 14 -4.75 3.35 3.84
N GLN A 15 -4.41 2.09 3.71
CA GLN A 15 -3.60 1.41 4.76
C GLN A 15 -2.25 0.98 4.19
N ASN A 16 -1.72 -0.11 4.67
CA ASN A 16 -0.42 -0.63 4.18
C ASN A 16 -0.70 -1.87 3.35
N CYS A 17 -1.27 -1.68 2.22
CA CYS A 17 -1.63 -2.83 1.36
C CYS A 17 -0.46 -3.20 0.44
N TYR A 18 0.57 -2.40 0.44
CA TYR A 18 1.73 -2.71 -0.45
C TYR A 18 3.03 -2.55 0.32
N PRO A 19 3.17 -3.34 1.36
CA PRO A 19 4.38 -3.33 2.20
C PRO A 19 5.50 -4.11 1.51
N GLU A 20 5.15 -5.03 0.64
CA GLU A 20 6.19 -5.84 -0.06
C GLU A 20 5.72 -6.15 -1.48
N GLY A 21 5.33 -5.14 -2.23
CA GLY A 21 4.87 -5.36 -3.62
C GLY A 21 4.17 -4.10 -4.13
N CYS A 22 4.78 -3.48 -5.08
CA CYS A 22 4.20 -2.25 -5.68
C CYS A 22 3.03 -2.61 -6.59
N SER A 23 3.33 -2.93 -7.81
CA SER A 23 2.27 -3.29 -8.79
C SER A 23 1.76 -4.70 -8.52
N GLY A 24 2.56 -5.53 -7.91
CA GLY A 24 2.10 -6.92 -7.62
C GLY A 24 0.85 -6.87 -6.74
N PRO A 25 0.68 -7.88 -5.93
CA PRO A 25 -0.47 -7.97 -5.02
C PRO A 25 -0.25 -7.05 -3.82
N LYS A 26 -0.96 -7.30 -2.75
CA LYS A 26 -0.80 -6.44 -1.54
C LYS A 26 0.10 -7.14 -0.54
N VAL A 27 -0.49 -7.81 0.41
CA VAL A 27 0.32 -8.53 1.44
C VAL A 27 0.46 -9.99 1.05
N ARG A 1 -11.36 1.55 -2.07
CA ARG A 1 -10.01 0.92 -2.00
C ARG A 1 -8.98 1.98 -1.63
N SER A 2 -8.53 1.98 -0.41
CA SER A 2 -7.52 2.99 0.02
C SER A 2 -6.11 2.43 -0.23
N CYS A 3 -5.65 1.56 0.65
CA CYS A 3 -4.30 0.96 0.49
C CYS A 3 -3.33 1.95 -0.14
N CYS A 4 -2.59 2.61 0.70
CA CYS A 4 -1.58 3.59 0.22
C CYS A 4 -0.67 2.88 -0.79
N PRO A 5 0.19 3.63 -1.46
CA PRO A 5 1.12 3.06 -2.45
C PRO A 5 2.18 2.21 -1.76
N CYS A 6 2.88 1.39 -2.50
CA CYS A 6 3.90 0.51 -1.88
C CYS A 6 4.93 1.32 -1.07
N TYR A 7 5.78 2.07 -1.72
CA TYR A 7 6.80 2.86 -0.96
C TYR A 7 6.17 3.50 0.26
N TRP A 8 4.98 3.97 0.12
CA TRP A 8 4.35 4.64 1.28
C TRP A 8 3.11 3.86 1.71
N GLY A 9 3.27 2.64 2.15
CA GLY A 9 2.10 1.83 2.57
C GLY A 9 1.60 2.27 3.96
N GLY A 10 2.12 3.34 4.49
CA GLY A 10 1.67 3.80 5.83
C GLY A 10 1.16 5.24 5.73
N CYS A 11 0.67 5.61 4.59
CA CYS A 11 0.19 6.99 4.38
C CYS A 11 -1.22 7.18 4.99
N PRO A 12 -1.71 8.40 4.90
CA PRO A 12 -3.01 8.81 5.48
C PRO A 12 -4.21 8.33 4.65
N TRP A 13 -4.24 8.59 3.37
CA TRP A 13 -5.42 8.17 2.55
C TRP A 13 -5.36 6.67 2.22
N GLY A 14 -4.80 5.85 3.05
CA GLY A 14 -4.76 4.41 2.72
C GLY A 14 -4.09 3.61 3.84
N GLN A 15 -3.84 2.35 3.62
CA GLN A 15 -3.21 1.51 4.67
C GLN A 15 -1.89 0.92 4.17
N ASN A 16 -1.53 -0.24 4.67
CA ASN A 16 -0.28 -0.89 4.25
C ASN A 16 -0.61 -2.11 3.40
N CYS A 17 -1.22 -1.89 2.28
CA CYS A 17 -1.61 -3.02 1.40
C CYS A 17 -0.46 -3.36 0.45
N TYR A 18 0.53 -2.51 0.40
CA TYR A 18 1.67 -2.75 -0.52
C TYR A 18 3.00 -2.66 0.24
N PRO A 19 3.13 -3.47 1.27
CA PRO A 19 4.35 -3.51 2.08
C PRO A 19 5.46 -4.28 1.35
N GLU A 20 5.09 -5.23 0.54
CA GLU A 20 6.13 -6.03 -0.18
C GLU A 20 5.68 -6.27 -1.63
N GLY A 21 5.30 -5.24 -2.33
CA GLY A 21 4.87 -5.41 -3.74
C GLY A 21 4.25 -4.12 -4.24
N CYS A 22 4.92 -3.48 -5.13
CA CYS A 22 4.43 -2.21 -5.72
C CYS A 22 3.33 -2.49 -6.73
N SER A 23 3.73 -2.76 -7.95
CA SER A 23 2.76 -3.03 -9.04
C SER A 23 2.24 -4.47 -8.96
N GLY A 24 2.83 -5.28 -8.11
CA GLY A 24 2.35 -6.69 -8.01
C GLY A 24 0.89 -6.68 -7.55
N PRO A 25 0.55 -7.60 -6.68
CA PRO A 25 -0.81 -7.69 -6.13
C PRO A 25 -1.01 -6.63 -5.07
N LYS A 26 -2.02 -6.76 -4.28
CA LYS A 26 -2.24 -5.76 -3.21
C LYS A 26 -0.93 -5.62 -2.42
N VAL A 27 -0.57 -6.62 -1.66
CA VAL A 27 0.69 -6.56 -0.88
C VAL A 27 1.73 -7.49 -1.53
N ARG A 1 -9.30 3.23 -2.40
CA ARG A 1 -7.95 2.59 -2.30
C ARG A 1 -7.87 1.78 -1.00
N SER A 2 -7.93 2.43 0.13
CA SER A 2 -7.87 1.70 1.41
C SER A 2 -6.52 0.97 1.52
N CYS A 3 -5.60 1.30 0.67
CA CYS A 3 -4.27 0.64 0.70
C CYS A 3 -3.23 1.59 0.11
N CYS A 4 -2.57 2.31 0.96
CA CYS A 4 -1.53 3.27 0.51
C CYS A 4 -0.62 2.60 -0.52
N PRO A 5 0.25 3.39 -1.13
CA PRO A 5 1.19 2.87 -2.14
C PRO A 5 2.28 2.03 -1.50
N CYS A 6 2.97 1.24 -2.29
CA CYS A 6 4.03 0.34 -1.74
C CYS A 6 5.05 1.13 -0.91
N TYR A 7 5.90 1.89 -1.54
CA TYR A 7 6.94 2.64 -0.79
C TYR A 7 6.34 3.32 0.42
N TRP A 8 5.12 3.74 0.32
CA TRP A 8 4.53 4.43 1.47
C TRP A 8 3.25 3.74 1.95
N GLY A 9 3.35 2.54 2.43
CA GLY A 9 2.14 1.78 2.90
C GLY A 9 1.52 2.46 4.14
N GLY A 10 2.28 3.22 4.89
CA GLY A 10 1.72 3.84 6.12
C GLY A 10 1.22 5.27 5.86
N CYS A 11 0.78 5.53 4.66
CA CYS A 11 0.32 6.90 4.33
C CYS A 11 -1.14 7.13 4.81
N PRO A 12 -1.61 8.35 4.64
CA PRO A 12 -2.95 8.79 5.11
C PRO A 12 -4.13 8.33 4.22
N TRP A 13 -4.10 8.62 2.96
CA TRP A 13 -5.27 8.25 2.08
C TRP A 13 -5.34 6.75 1.80
N GLY A 14 -4.56 5.95 2.47
CA GLY A 14 -4.62 4.49 2.19
C GLY A 14 -4.23 3.71 3.44
N GLN A 15 -4.36 2.41 3.40
CA GLN A 15 -3.99 1.58 4.57
C GLN A 15 -2.54 1.11 4.40
N ASN A 16 -2.19 0.03 5.03
CA ASN A 16 -0.80 -0.49 4.90
C ASN A 16 -0.84 -1.76 4.07
N CYS A 17 -1.27 -1.66 2.84
CA CYS A 17 -1.33 -2.85 1.99
C CYS A 17 0.02 -3.02 1.30
N TYR A 18 0.12 -2.51 0.11
CA TYR A 18 1.38 -2.60 -0.71
C TYR A 18 2.60 -2.65 0.21
N PRO A 19 2.97 -3.85 0.59
CA PRO A 19 4.15 -4.06 1.45
C PRO A 19 5.43 -3.94 0.61
N GLU A 20 5.81 -5.00 -0.04
CA GLU A 20 7.02 -4.97 -0.89
C GLU A 20 6.63 -5.31 -2.33
N GLY A 21 5.38 -5.11 -2.68
CA GLY A 21 4.92 -5.41 -4.05
C GLY A 21 4.02 -4.28 -4.52
N CYS A 22 4.62 -3.34 -5.13
CA CYS A 22 3.90 -2.15 -5.65
C CYS A 22 2.65 -2.57 -6.43
N SER A 23 2.63 -3.77 -6.90
CA SER A 23 1.45 -4.24 -7.69
C SER A 23 0.74 -5.39 -6.95
N GLY A 24 1.17 -6.60 -7.16
CA GLY A 24 0.53 -7.75 -6.47
C GLY A 24 -1.00 -7.56 -6.42
N PRO A 25 -1.59 -8.08 -5.39
CA PRO A 25 -3.06 -7.98 -5.17
C PRO A 25 -3.41 -6.60 -4.63
N LYS A 26 -4.53 -6.48 -3.95
CA LYS A 26 -4.95 -5.16 -3.39
C LYS A 26 -3.71 -4.37 -2.98
N VAL A 27 -2.72 -5.04 -2.49
CA VAL A 27 -1.47 -4.34 -2.08
C VAL A 27 -0.54 -4.23 -3.28
N ARG A 1 -9.02 2.34 2.62
CA ARG A 1 -9.32 1.43 1.48
C ARG A 1 -8.57 1.92 0.23
N SER A 2 -8.07 3.13 0.26
CA SER A 2 -7.35 3.66 -0.92
C SER A 2 -5.97 3.01 -1.02
N CYS A 3 -5.65 2.12 -0.11
CA CYS A 3 -4.33 1.44 -0.14
C CYS A 3 -3.24 2.39 -0.61
N CYS A 4 -2.59 3.01 0.32
CA CYS A 4 -1.48 3.95 -0.02
C CYS A 4 -0.64 3.30 -1.14
N PRO A 5 0.19 4.08 -1.78
CA PRO A 5 1.04 3.56 -2.87
C PRO A 5 2.04 2.55 -2.31
N CYS A 6 2.35 1.53 -3.07
CA CYS A 6 3.29 0.50 -2.60
C CYS A 6 4.58 1.14 -2.07
N TYR A 7 5.08 2.12 -2.76
CA TYR A 7 6.33 2.79 -2.27
C TYR A 7 6.04 3.34 -0.89
N TRP A 8 4.86 3.85 -0.70
CA TRP A 8 4.50 4.40 0.61
C TRP A 8 3.20 3.75 1.09
N GLY A 9 3.24 2.48 1.40
CA GLY A 9 1.99 1.77 1.86
C GLY A 9 1.65 2.14 3.31
N GLY A 10 2.61 2.50 4.10
CA GLY A 10 2.32 2.84 5.53
C GLY A 10 1.81 4.28 5.65
N CYS A 11 1.46 4.88 4.55
CA CYS A 11 0.97 6.28 4.59
C CYS A 11 -0.27 6.41 5.50
N PRO A 12 -0.71 7.64 5.69
CA PRO A 12 -1.86 7.96 6.57
C PRO A 12 -3.20 7.54 5.94
N TRP A 13 -3.52 8.03 4.78
CA TRP A 13 -4.82 7.66 4.16
C TRP A 13 -4.75 6.21 3.67
N GLY A 14 -5.70 5.79 2.89
CA GLY A 14 -5.69 4.40 2.38
C GLY A 14 -5.25 3.44 3.49
N GLN A 15 -4.51 2.43 3.13
CA GLN A 15 -4.04 1.45 4.15
C GLN A 15 -2.67 0.90 3.75
N ASN A 16 -2.35 -0.26 4.24
CA ASN A 16 -1.05 -0.90 3.91
C ASN A 16 -1.32 -2.06 2.97
N CYS A 17 -1.68 -1.76 1.76
CA CYS A 17 -2.02 -2.83 0.79
C CYS A 17 -0.76 -3.31 0.06
N TYR A 18 0.21 -2.47 -0.08
CA TYR A 18 1.49 -2.89 -0.74
C TYR A 18 2.66 -2.30 0.04
N PRO A 19 2.79 -2.74 1.28
CA PRO A 19 3.86 -2.28 2.18
C PRO A 19 5.15 -3.06 1.93
N GLU A 20 5.05 -4.32 1.61
CA GLU A 20 6.28 -5.14 1.39
C GLU A 20 6.69 -5.09 -0.08
N GLY A 21 6.09 -4.24 -0.86
CA GLY A 21 6.48 -4.16 -2.28
C GLY A 21 5.22 -4.23 -3.14
N CYS A 22 5.05 -3.23 -3.95
CA CYS A 22 3.87 -3.15 -4.86
C CYS A 22 3.39 -4.55 -5.22
N SER A 23 4.31 -5.37 -5.58
CA SER A 23 4.00 -6.78 -5.94
C SER A 23 2.75 -6.85 -6.82
N GLY A 24 2.57 -5.89 -7.68
CA GLY A 24 1.37 -5.92 -8.58
C GLY A 24 0.14 -5.35 -7.86
N PRO A 25 -0.82 -6.20 -7.58
CA PRO A 25 -2.07 -5.81 -6.90
C PRO A 25 -1.84 -5.56 -5.42
N LYS A 26 -2.89 -5.66 -4.64
CA LYS A 26 -2.78 -5.41 -3.17
C LYS A 26 -1.66 -6.25 -2.55
N VAL A 27 -1.70 -6.44 -1.27
CA VAL A 27 -0.64 -7.23 -0.59
C VAL A 27 -0.82 -8.71 -0.91
N ARG A 1 -8.33 7.55 -2.77
CA ARG A 1 -8.05 6.11 -3.04
C ARG A 1 -7.76 5.39 -1.72
N SER A 2 -7.64 4.09 -1.76
CA SER A 2 -7.36 3.33 -0.50
C SER A 2 -5.97 2.69 -0.61
N CYS A 3 -5.68 1.78 0.29
CA CYS A 3 -4.37 1.08 0.29
C CYS A 3 -3.27 1.97 -0.26
N CYS A 4 -2.65 2.70 0.62
CA CYS A 4 -1.54 3.61 0.23
C CYS A 4 -0.65 2.91 -0.81
N PRO A 5 0.20 3.66 -1.47
CA PRO A 5 1.12 3.11 -2.48
C PRO A 5 2.21 2.25 -1.82
N CYS A 6 2.85 1.41 -2.58
CA CYS A 6 3.90 0.52 -2.00
C CYS A 6 4.98 1.33 -1.27
N TYR A 7 5.78 2.06 -1.98
CA TYR A 7 6.86 2.86 -1.31
C TYR A 7 6.33 3.49 -0.04
N TRP A 8 5.12 3.95 -0.08
CA TRP A 8 4.57 4.59 1.13
C TRP A 8 3.23 3.92 1.51
N GLY A 9 3.27 2.69 1.90
CA GLY A 9 2.00 1.98 2.28
C GLY A 9 1.48 2.46 3.64
N GLY A 10 2.34 2.93 4.50
CA GLY A 10 1.88 3.38 5.84
C GLY A 10 1.33 4.81 5.77
N CYS A 11 1.08 5.30 4.59
CA CYS A 11 0.57 6.69 4.44
C CYS A 11 -0.81 6.84 5.11
N PRO A 12 -1.31 8.06 5.11
CA PRO A 12 -2.60 8.42 5.76
C PRO A 12 -3.81 7.93 4.95
N TRP A 13 -3.95 8.34 3.71
CA TRP A 13 -5.14 7.91 2.93
C TRP A 13 -4.99 6.43 2.55
N GLY A 14 -5.92 5.62 2.95
CA GLY A 14 -5.83 4.18 2.62
C GLY A 14 -5.15 3.42 3.75
N GLN A 15 -4.42 2.39 3.42
CA GLN A 15 -3.73 1.61 4.48
C GLN A 15 -2.34 1.18 3.97
N ASN A 16 -1.81 0.13 4.54
CA ASN A 16 -0.48 -0.37 4.11
C ASN A 16 -0.71 -1.66 3.35
N CYS A 17 -1.30 -1.56 2.20
CA CYS A 17 -1.62 -2.74 1.39
C CYS A 17 -0.44 -3.11 0.49
N TYR A 18 0.61 -2.37 0.54
CA TYR A 18 1.77 -2.67 -0.34
C TYR A 18 3.09 -2.49 0.42
N PRO A 19 3.26 -3.28 1.45
CA PRO A 19 4.46 -3.24 2.28
C PRO A 19 5.61 -4.01 1.60
N GLU A 20 5.29 -4.95 0.75
CA GLU A 20 6.36 -5.72 0.05
C GLU A 20 5.89 -6.10 -1.36
N GLY A 21 5.40 -5.15 -2.11
CA GLY A 21 4.94 -5.45 -3.49
C GLY A 21 4.23 -4.22 -4.07
N CYS A 22 4.85 -3.62 -5.02
CA CYS A 22 4.27 -2.41 -5.68
C CYS A 22 3.14 -2.81 -6.63
N SER A 23 3.02 -4.07 -6.90
CA SER A 23 1.94 -4.51 -7.85
C SER A 23 1.34 -5.85 -7.42
N GLY A 24 1.68 -6.34 -6.26
CA GLY A 24 1.08 -7.64 -5.81
C GLY A 24 -0.43 -7.46 -5.71
N PRO A 25 -1.03 -8.18 -4.80
CA PRO A 25 -2.48 -8.10 -4.57
C PRO A 25 -2.79 -6.83 -3.80
N LYS A 26 -3.98 -6.72 -3.28
CA LYS A 26 -4.29 -5.50 -2.50
C LYS A 26 -3.19 -5.32 -1.45
N VAL A 27 -3.15 -6.16 -0.44
CA VAL A 27 -2.09 -6.04 0.60
C VAL A 27 -0.79 -6.61 0.06
N ARG A 1 -8.84 3.30 -2.35
CA ARG A 1 -9.33 2.50 -1.19
C ARG A 1 -8.43 2.75 0.02
N SER A 2 -8.45 1.87 0.98
CA SER A 2 -7.59 2.05 2.18
C SER A 2 -6.26 1.32 1.98
N CYS A 3 -5.58 1.61 0.89
CA CYS A 3 -4.30 0.93 0.63
C CYS A 3 -3.32 1.93 -0.01
N CYS A 4 -2.58 2.59 0.80
CA CYS A 4 -1.59 3.58 0.32
C CYS A 4 -0.66 2.90 -0.71
N PRO A 5 0.20 3.66 -1.34
CA PRO A 5 1.14 3.10 -2.34
C PRO A 5 2.21 2.25 -1.65
N CYS A 6 2.84 1.37 -2.40
CA CYS A 6 3.86 0.47 -1.81
C CYS A 6 4.89 1.25 -0.98
N TYR A 7 5.71 2.04 -1.61
CA TYR A 7 6.76 2.80 -0.85
C TYR A 7 6.13 3.45 0.36
N TRP A 8 4.99 4.03 0.20
CA TRP A 8 4.37 4.70 1.35
C TRP A 8 3.13 3.92 1.80
N GLY A 9 3.30 2.69 2.19
CA GLY A 9 2.13 1.86 2.62
C GLY A 9 1.60 2.32 3.99
N GLY A 10 2.12 3.39 4.55
CA GLY A 10 1.62 3.85 5.87
C GLY A 10 1.10 5.28 5.76
N CYS A 11 0.68 5.65 4.60
CA CYS A 11 0.18 7.03 4.38
C CYS A 11 -1.24 7.22 4.95
N PRO A 12 -1.74 8.43 4.82
CA PRO A 12 -3.07 8.82 5.36
C PRO A 12 -4.24 8.32 4.51
N TRP A 13 -4.25 8.58 3.24
CA TRP A 13 -5.41 8.13 2.39
C TRP A 13 -5.35 6.63 2.09
N GLY A 14 -4.84 5.82 2.96
CA GLY A 14 -4.80 4.37 2.66
C GLY A 14 -4.09 3.61 3.78
N GLN A 15 -3.86 2.34 3.60
CA GLN A 15 -3.18 1.55 4.65
C GLN A 15 -1.86 0.97 4.11
N ASN A 16 -1.47 -0.16 4.59
CA ASN A 16 -0.21 -0.80 4.13
C ASN A 16 -0.56 -2.02 3.28
N CYS A 17 -1.21 -1.80 2.18
CA CYS A 17 -1.63 -2.93 1.33
C CYS A 17 -0.51 -3.29 0.34
N TYR A 18 0.59 -2.62 0.41
CA TYR A 18 1.70 -2.91 -0.53
C TYR A 18 3.06 -2.78 0.20
N PRO A 19 3.22 -3.58 1.22
CA PRO A 19 4.46 -3.58 2.01
C PRO A 19 5.56 -4.37 1.29
N GLU A 20 5.18 -5.29 0.44
CA GLU A 20 6.20 -6.09 -0.29
C GLU A 20 5.76 -6.30 -1.74
N GLY A 21 5.34 -5.27 -2.40
CA GLY A 21 4.91 -5.41 -3.82
C GLY A 21 4.20 -4.14 -4.27
N CYS A 22 4.82 -3.43 -5.14
CA CYS A 22 4.24 -2.17 -5.67
C CYS A 22 3.07 -2.51 -6.60
N SER A 23 2.98 -3.72 -7.02
CA SER A 23 1.88 -4.13 -7.94
C SER A 23 1.18 -5.38 -7.40
N GLY A 24 1.85 -6.15 -6.58
CA GLY A 24 1.21 -7.38 -6.04
C GLY A 24 -0.17 -7.04 -5.47
N PRO A 25 -0.83 -8.03 -4.94
CA PRO A 25 -2.17 -7.86 -4.34
C PRO A 25 -2.07 -7.22 -2.97
N LYS A 26 -3.10 -7.36 -2.18
CA LYS A 26 -3.08 -6.77 -0.82
C LYS A 26 -2.13 -7.58 0.07
N VAL A 27 -2.09 -7.28 1.33
CA VAL A 27 -1.18 -8.03 2.25
C VAL A 27 -1.77 -9.42 2.53
N ARG A 1 -10.89 0.97 -2.07
CA ARG A 1 -10.33 0.33 -0.84
C ARG A 1 -9.15 1.17 -0.32
N SER A 2 -9.23 1.63 0.90
CA SER A 2 -8.13 2.45 1.46
C SER A 2 -6.84 1.63 1.49
N CYS A 3 -5.92 1.93 0.61
CA CYS A 3 -4.66 1.15 0.57
C CYS A 3 -3.54 2.05 0.02
N CYS A 4 -2.78 2.65 0.90
CA CYS A 4 -1.65 3.53 0.50
C CYS A 4 -0.91 2.90 -0.69
N PRO A 5 -0.05 3.65 -1.32
CA PRO A 5 0.73 3.17 -2.49
C PRO A 5 1.80 2.14 -2.09
N CYS A 6 2.42 1.54 -3.08
CA CYS A 6 3.46 0.49 -2.84
C CYS A 6 4.69 1.07 -2.12
N TYR A 7 5.13 2.23 -2.51
CA TYR A 7 6.34 2.82 -1.86
C TYR A 7 5.98 3.42 -0.52
N TRP A 8 4.83 3.99 -0.42
CA TRP A 8 4.45 4.61 0.86
C TRP A 8 3.17 3.98 1.41
N GLY A 9 3.21 2.71 1.72
CA GLY A 9 1.99 2.01 2.25
C GLY A 9 1.61 2.52 3.64
N GLY A 10 2.56 3.01 4.40
CA GLY A 10 2.24 3.49 5.77
C GLY A 10 1.70 4.92 5.72
N CYS A 11 1.31 5.36 4.57
CA CYS A 11 0.81 6.75 4.43
C CYS A 11 -0.56 6.93 5.14
N PRO A 12 -1.04 8.15 5.15
CA PRO A 12 -2.30 8.52 5.83
C PRO A 12 -3.53 8.01 5.07
N TRP A 13 -3.71 8.43 3.85
CA TRP A 13 -4.90 7.95 3.09
C TRP A 13 -4.67 6.49 2.70
N GLY A 14 -5.58 5.63 3.03
CA GLY A 14 -5.38 4.20 2.68
C GLY A 14 -4.62 3.48 3.79
N GLN A 15 -4.57 2.19 3.73
CA GLN A 15 -3.85 1.42 4.78
C GLN A 15 -2.49 0.96 4.23
N ASN A 16 -2.02 -0.17 4.68
CA ASN A 16 -0.73 -0.72 4.21
C ASN A 16 -1.04 -1.92 3.34
N CYS A 17 -1.62 -1.70 2.20
CA CYS A 17 -1.99 -2.82 1.33
C CYS A 17 -0.84 -3.21 0.42
N TYR A 18 0.15 -2.39 0.33
CA TYR A 18 1.31 -2.72 -0.55
C TYR A 18 2.63 -2.71 0.23
N PRO A 19 2.65 -3.35 1.38
CA PRO A 19 3.87 -3.42 2.20
C PRO A 19 4.79 -4.52 1.65
N GLU A 20 4.36 -5.20 0.62
CA GLU A 20 5.19 -6.30 0.06
C GLU A 20 6.15 -5.78 -1.01
N GLY A 21 5.84 -4.67 -1.59
CA GLY A 21 6.73 -4.12 -2.62
C GLY A 21 5.96 -3.94 -3.92
N CYS A 22 6.04 -2.77 -4.44
CA CYS A 22 5.34 -2.41 -5.71
C CYS A 22 5.23 -3.64 -6.61
N SER A 23 6.23 -4.44 -6.62
CA SER A 23 6.24 -5.65 -7.48
C SER A 23 4.99 -6.48 -7.20
N GLY A 24 4.83 -6.94 -5.99
CA GLY A 24 3.62 -7.75 -5.66
C GLY A 24 2.43 -6.82 -5.45
N PRO A 25 1.28 -7.25 -5.89
CA PRO A 25 0.05 -6.46 -5.76
C PRO A 25 -0.51 -6.56 -4.35
N LYS A 26 -1.02 -5.48 -3.85
CA LYS A 26 -1.63 -5.49 -2.49
C LYS A 26 -0.81 -6.39 -1.56
N VAL A 27 -1.40 -6.85 -0.49
CA VAL A 27 -0.64 -7.74 0.45
C VAL A 27 -0.59 -9.15 -0.12
N ARG A 1 -9.66 -1.63 -0.31
CA ARG A 1 -10.23 -0.85 0.83
C ARG A 1 -9.11 -0.06 1.51
N SER A 2 -8.88 1.15 1.09
CA SER A 2 -7.80 1.96 1.71
C SER A 2 -6.47 1.22 1.63
N CYS A 3 -5.67 1.53 0.65
CA CYS A 3 -4.36 0.85 0.50
C CYS A 3 -3.34 1.85 -0.06
N CYS A 4 -2.63 2.48 0.82
CA CYS A 4 -1.60 3.48 0.41
C CYS A 4 -0.70 2.86 -0.66
N PRO A 5 0.14 3.67 -1.26
CA PRO A 5 1.07 3.18 -2.31
C PRO A 5 2.16 2.30 -1.68
N CYS A 6 2.80 1.48 -2.48
CA CYS A 6 3.84 0.57 -1.92
C CYS A 6 4.91 1.35 -1.15
N TYR A 7 5.74 2.09 -1.84
CA TYR A 7 6.82 2.84 -1.13
C TYR A 7 6.28 3.50 0.11
N TRP A 8 5.09 4.00 0.05
CA TRP A 8 4.52 4.67 1.23
C TRP A 8 3.22 4.01 1.65
N GLY A 9 3.28 2.79 2.10
CA GLY A 9 2.04 2.07 2.52
C GLY A 9 1.50 2.63 3.85
N GLY A 10 2.34 3.21 4.66
CA GLY A 10 1.86 3.75 5.96
C GLY A 10 1.29 5.15 5.80
N CYS A 11 0.95 5.52 4.60
CA CYS A 11 0.43 6.88 4.36
C CYS A 11 -1.01 7.05 4.95
N PRO A 12 -1.51 8.26 4.86
CA PRO A 12 -2.82 8.66 5.44
C PRO A 12 -4.03 8.17 4.61
N TRP A 13 -4.11 8.54 3.36
CA TRP A 13 -5.30 8.15 2.54
C TRP A 13 -5.30 6.67 2.16
N GLY A 14 -4.64 5.82 2.90
CA GLY A 14 -4.65 4.38 2.50
C GLY A 14 -4.10 3.53 3.63
N GLN A 15 -4.12 2.23 3.46
CA GLN A 15 -3.60 1.32 4.52
C GLN A 15 -2.23 0.77 4.11
N ASN A 16 -1.87 -0.37 4.63
CA ASN A 16 -0.57 -0.98 4.29
C ASN A 16 -0.82 -2.18 3.38
N CYS A 17 -1.37 -1.93 2.22
CA CYS A 17 -1.68 -3.03 1.30
C CYS A 17 -0.48 -3.32 0.41
N TYR A 18 0.49 -2.46 0.40
CA TYR A 18 1.67 -2.71 -0.46
C TYR A 18 2.97 -2.55 0.34
N PRO A 19 3.13 -3.40 1.32
CA PRO A 19 4.33 -3.40 2.18
C PRO A 19 5.48 -4.10 1.46
N GLU A 20 5.18 -5.06 0.62
CA GLU A 20 6.27 -5.77 -0.11
C GLU A 20 5.81 -6.10 -1.53
N GLY A 21 5.36 -5.11 -2.26
CA GLY A 21 4.91 -5.35 -3.66
C GLY A 21 4.20 -4.11 -4.18
N CYS A 22 4.82 -3.46 -5.09
CA CYS A 22 4.25 -2.24 -5.71
C CYS A 22 3.13 -2.60 -6.68
N SER A 23 3.00 -3.85 -7.01
CA SER A 23 1.94 -4.26 -7.97
C SER A 23 1.39 -5.64 -7.63
N GLY A 24 1.76 -6.20 -6.51
CA GLY A 24 1.21 -7.54 -6.16
C GLY A 24 -0.30 -7.43 -6.01
N PRO A 25 -0.85 -8.18 -5.09
CA PRO A 25 -2.29 -8.15 -4.81
C PRO A 25 -2.62 -6.91 -4.01
N LYS A 26 -3.80 -6.81 -3.47
CA LYS A 26 -4.12 -5.60 -2.68
C LYS A 26 -3.17 -5.57 -1.49
N VAL A 27 -3.30 -6.49 -0.57
CA VAL A 27 -2.40 -6.52 0.61
C VAL A 27 -1.80 -7.91 0.77
N ARG A 1 -9.89 2.93 -2.65
CA ARG A 1 -8.79 3.89 -2.37
C ARG A 1 -8.43 3.82 -0.88
N SER A 2 -8.32 2.65 -0.33
CA SER A 2 -7.97 2.52 1.11
C SER A 2 -6.67 1.72 1.24
N CYS A 3 -5.74 1.94 0.34
CA CYS A 3 -4.47 1.20 0.40
C CYS A 3 -3.35 2.11 -0.12
N CYS A 4 -2.69 2.79 0.77
CA CYS A 4 -1.58 3.69 0.38
C CYS A 4 -0.72 2.99 -0.69
N PRO A 5 0.16 3.73 -1.33
CA PRO A 5 1.04 3.16 -2.36
C PRO A 5 2.06 2.20 -1.74
N CYS A 6 2.75 1.44 -2.55
CA CYS A 6 3.71 0.46 -1.99
C CYS A 6 4.87 1.17 -1.25
N TYR A 7 5.47 2.15 -1.85
CA TYR A 7 6.59 2.85 -1.17
C TYR A 7 6.10 3.50 0.11
N TRP A 8 5.03 4.22 0.02
CA TRP A 8 4.50 4.89 1.22
C TRP A 8 3.20 4.22 1.65
N GLY A 9 3.24 2.96 1.96
CA GLY A 9 2.00 2.23 2.38
C GLY A 9 1.49 2.73 3.73
N GLY A 10 2.35 3.23 4.57
CA GLY A 10 1.90 3.71 5.92
C GLY A 10 1.31 5.12 5.82
N CYS A 11 1.06 5.58 4.64
CA CYS A 11 0.51 6.94 4.46
C CYS A 11 -0.88 7.07 5.12
N PRO A 12 -1.43 8.26 5.08
CA PRO A 12 -2.73 8.58 5.69
C PRO A 12 -3.91 8.00 4.89
N TRP A 13 -4.04 8.36 3.64
CA TRP A 13 -5.19 7.82 2.86
C TRP A 13 -4.91 6.36 2.53
N GLY A 14 -5.72 5.47 3.04
CA GLY A 14 -5.51 4.03 2.75
C GLY A 14 -4.59 3.42 3.81
N GLN A 15 -4.35 2.15 3.74
CA GLN A 15 -3.47 1.49 4.74
C GLN A 15 -2.15 1.05 4.07
N ASN A 16 -1.59 -0.03 4.52
CA ASN A 16 -0.33 -0.54 3.94
C ASN A 16 -0.67 -1.79 3.14
N CYS A 17 -1.24 -1.62 2.01
CA CYS A 17 -1.67 -2.77 1.19
C CYS A 17 -0.53 -3.26 0.29
N TYR A 18 0.51 -2.49 0.13
CA TYR A 18 1.65 -2.96 -0.72
C TYR A 18 2.97 -2.67 -0.01
N PRO A 19 3.20 -3.37 1.08
CA PRO A 19 4.43 -3.21 1.86
C PRO A 19 5.59 -3.90 1.13
N GLU A 20 5.30 -4.93 0.39
CA GLU A 20 6.36 -5.65 -0.37
C GLU A 20 5.80 -6.08 -1.73
N GLY A 21 4.65 -5.57 -2.09
CA GLY A 21 4.03 -5.94 -3.39
C GLY A 21 4.11 -4.77 -4.35
N CYS A 22 5.07 -3.94 -4.14
CA CYS A 22 5.28 -2.74 -5.00
C CYS A 22 4.88 -3.04 -6.45
N SER A 23 5.08 -4.26 -6.86
CA SER A 23 4.73 -4.64 -8.26
C SER A 23 3.99 -5.98 -8.28
N GLY A 24 4.33 -6.87 -7.38
CA GLY A 24 3.63 -8.20 -7.35
C GLY A 24 2.14 -7.99 -7.08
N PRO A 25 1.61 -8.73 -6.14
CA PRO A 25 0.19 -8.62 -5.77
C PRO A 25 0.00 -7.38 -4.90
N LYS A 26 -1.11 -7.28 -4.24
CA LYS A 26 -1.32 -6.09 -3.39
C LYS A 26 -0.43 -6.19 -2.15
N VAL A 27 -0.66 -7.16 -1.30
CA VAL A 27 0.19 -7.30 -0.09
C VAL A 27 1.21 -8.42 -0.31
N ARG A 1 -10.50 3.58 -3.06
CA ARG A 1 -9.51 2.56 -2.63
C ARG A 1 -8.76 3.07 -1.40
N SER A 2 -8.68 2.27 -0.37
CA SER A 2 -7.96 2.70 0.86
C SER A 2 -6.70 1.84 1.06
N CYS A 3 -5.73 2.01 0.20
CA CYS A 3 -4.49 1.22 0.32
C CYS A 3 -3.32 2.06 -0.16
N CYS A 4 -2.64 2.69 0.76
CA CYS A 4 -1.48 3.54 0.43
C CYS A 4 -0.66 2.87 -0.69
N PRO A 5 0.22 3.62 -1.30
CA PRO A 5 1.07 3.11 -2.39
C PRO A 5 2.11 2.10 -1.89
N CYS A 6 2.70 1.36 -2.79
CA CYS A 6 3.71 0.33 -2.40
C CYS A 6 4.86 0.95 -1.61
N TYR A 7 5.41 2.03 -2.06
CA TYR A 7 6.55 2.66 -1.33
C TYR A 7 6.08 3.30 -0.06
N TRP A 8 5.03 4.05 -0.14
CA TRP A 8 4.56 4.73 1.07
C TRP A 8 3.25 4.09 1.55
N GLY A 9 3.28 2.83 1.84
CA GLY A 9 2.04 2.12 2.29
C GLY A 9 1.59 2.61 3.67
N GLY A 10 2.50 3.09 4.48
CA GLY A 10 2.12 3.57 5.84
C GLY A 10 1.53 4.98 5.76
N CYS A 11 1.27 5.45 4.57
CA CYS A 11 0.72 6.81 4.39
C CYS A 11 -0.66 6.94 5.07
N PRO A 12 -1.22 8.15 5.02
CA PRO A 12 -2.50 8.47 5.67
C PRO A 12 -3.70 7.92 4.90
N TRP A 13 -3.85 8.25 3.65
CA TRP A 13 -5.03 7.76 2.89
C TRP A 13 -4.86 6.27 2.58
N GLY A 14 -5.80 5.48 3.01
CA GLY A 14 -5.71 4.02 2.75
C GLY A 14 -5.06 3.32 3.95
N GLN A 15 -4.35 2.26 3.70
CA GLN A 15 -3.68 1.54 4.81
C GLN A 15 -2.34 0.97 4.32
N ASN A 16 -1.96 -0.19 4.77
CA ASN A 16 -0.69 -0.80 4.35
C ASN A 16 -1.02 -1.98 3.44
N CYS A 17 -1.56 -1.73 2.30
CA CYS A 17 -1.93 -2.83 1.38
C CYS A 17 -0.75 -3.21 0.50
N TYR A 18 0.19 -2.33 0.38
CA TYR A 18 1.37 -2.62 -0.48
C TYR A 18 2.66 -2.34 0.32
N PRO A 19 2.94 -3.20 1.25
CA PRO A 19 4.14 -3.09 2.10
C PRO A 19 5.38 -3.55 1.31
N GLU A 20 5.20 -4.49 0.44
CA GLU A 20 6.36 -4.98 -0.37
C GLU A 20 5.87 -5.47 -1.73
N GLY A 21 4.66 -5.13 -2.09
CA GLY A 21 4.11 -5.57 -3.40
C GLY A 21 4.43 -4.56 -4.48
N CYS A 22 5.34 -3.69 -4.20
CA CYS A 22 5.74 -2.64 -5.17
C CYS A 22 5.71 -3.20 -6.59
N SER A 23 5.99 -4.44 -6.73
CA SER A 23 5.98 -5.08 -8.08
C SER A 23 4.83 -6.09 -8.16
N GLY A 24 4.40 -6.61 -7.05
CA GLY A 24 3.28 -7.59 -7.07
C GLY A 24 1.97 -6.88 -6.72
N PRO A 25 0.95 -7.66 -6.48
CA PRO A 25 -0.39 -7.14 -6.13
C PRO A 25 -0.43 -6.71 -4.66
N LYS A 26 -1.60 -6.61 -4.11
CA LYS A 26 -1.74 -6.19 -2.70
C LYS A 26 -0.93 -7.14 -1.80
N VAL A 27 -1.25 -7.19 -0.53
CA VAL A 27 -0.51 -8.09 0.38
C VAL A 27 -1.01 -9.52 0.22
N ARG A 1 -7.32 2.92 4.27
CA ARG A 1 -8.59 2.45 3.65
C ARG A 1 -8.39 2.29 2.14
N SER A 2 -7.83 3.29 1.49
CA SER A 2 -7.62 3.20 0.02
C SER A 2 -6.22 2.64 -0.25
N CYS A 3 -5.72 1.81 0.63
CA CYS A 3 -4.39 1.20 0.44
C CYS A 3 -3.42 2.20 -0.16
N CYS A 4 -2.67 2.83 0.70
CA CYS A 4 -1.65 3.81 0.25
C CYS A 4 -0.77 3.11 -0.80
N PRO A 5 0.16 3.82 -1.41
CA PRO A 5 1.04 3.24 -2.42
C PRO A 5 2.06 2.29 -1.77
N CYS A 6 2.72 1.48 -2.56
CA CYS A 6 3.69 0.51 -2.00
C CYS A 6 4.82 1.25 -1.26
N TYR A 7 5.40 2.26 -1.86
CA TYR A 7 6.51 2.99 -1.16
C TYR A 7 5.99 3.56 0.15
N TRP A 8 4.87 4.19 0.10
CA TRP A 8 4.32 4.78 1.33
C TRP A 8 3.05 4.01 1.75
N GLY A 9 3.21 2.74 2.05
CA GLY A 9 2.02 1.93 2.45
C GLY A 9 1.56 2.27 3.87
N GLY A 10 2.10 3.28 4.47
CA GLY A 10 1.66 3.65 5.85
C GLY A 10 1.16 5.09 5.85
N CYS A 11 0.67 5.54 4.73
CA CYS A 11 0.19 6.92 4.61
C CYS A 11 -1.24 7.09 5.21
N PRO A 12 -1.70 8.32 5.19
CA PRO A 12 -3.02 8.70 5.78
C PRO A 12 -4.21 8.28 4.90
N TRP A 13 -4.19 8.55 3.63
CA TRP A 13 -5.36 8.20 2.77
C TRP A 13 -5.32 6.72 2.39
N GLY A 14 -4.92 5.85 3.27
CA GLY A 14 -4.91 4.41 2.92
C GLY A 14 -4.09 3.62 3.94
N GLN A 15 -3.79 2.39 3.63
CA GLN A 15 -3.01 1.55 4.58
C GLN A 15 -1.74 1.02 3.92
N ASN A 16 -1.29 -0.13 4.34
CA ASN A 16 -0.07 -0.74 3.77
C ASN A 16 -0.49 -1.95 2.94
N CYS A 17 -1.12 -1.71 1.84
CA CYS A 17 -1.61 -2.83 1.01
C CYS A 17 -0.53 -3.29 0.03
N TYR A 18 0.53 -2.53 -0.09
CA TYR A 18 1.63 -2.92 -1.02
C TYR A 18 2.99 -2.72 -0.34
N PRO A 19 3.17 -3.34 0.79
CA PRO A 19 4.42 -3.24 1.57
C PRO A 19 5.48 -4.20 1.02
N GLU A 20 5.13 -5.44 0.83
CA GLU A 20 6.13 -6.44 0.34
C GLU A 20 6.10 -6.54 -1.19
N GLY A 21 5.62 -5.53 -1.88
CA GLY A 21 5.60 -5.61 -3.36
C GLY A 21 4.57 -4.66 -3.92
N CYS A 22 5.04 -3.67 -4.60
CA CYS A 22 4.15 -2.67 -5.21
C CYS A 22 3.18 -3.37 -6.16
N SER A 23 3.69 -3.86 -7.23
CA SER A 23 2.83 -4.57 -8.22
C SER A 23 2.02 -5.64 -7.52
N GLY A 24 2.64 -6.40 -6.65
CA GLY A 24 1.90 -7.48 -5.93
C GLY A 24 0.55 -6.92 -5.45
N PRO A 25 -0.31 -7.81 -5.04
CA PRO A 25 -1.66 -7.46 -4.55
C PRO A 25 -1.59 -6.92 -3.13
N LYS A 26 -2.69 -6.94 -2.45
CA LYS A 26 -2.73 -6.45 -1.05
C LYS A 26 -1.77 -7.27 -0.19
N VAL A 27 -1.64 -6.93 1.06
CA VAL A 27 -0.72 -7.69 1.95
C VAL A 27 -1.36 -9.03 2.30
N ARG A 1 -7.14 5.17 -4.56
CA ARG A 1 -8.17 4.22 -4.05
C ARG A 1 -7.66 3.56 -2.75
N SER A 2 -7.80 4.23 -1.65
CA SER A 2 -7.34 3.64 -0.36
C SER A 2 -5.97 2.99 -0.56
N CYS A 3 -5.68 1.97 0.22
CA CYS A 3 -4.39 1.25 0.10
C CYS A 3 -3.28 2.19 -0.38
N CYS A 4 -2.60 2.77 0.57
CA CYS A 4 -1.48 3.69 0.23
C CYS A 4 -0.63 3.07 -0.89
N PRO A 5 0.26 3.85 -1.46
CA PRO A 5 1.14 3.37 -2.53
C PRO A 5 2.27 2.51 -1.95
N CYS A 6 2.72 1.52 -2.69
CA CYS A 6 3.81 0.64 -2.17
C CYS A 6 4.94 1.47 -1.60
N TYR A 7 5.58 2.26 -2.41
CA TYR A 7 6.72 3.10 -1.90
C TYR A 7 6.35 3.65 -0.53
N TRP A 8 5.11 3.98 -0.36
CA TRP A 8 4.68 4.53 0.93
C TRP A 8 3.36 3.86 1.35
N GLY A 9 3.39 2.61 1.71
CA GLY A 9 2.13 1.89 2.11
C GLY A 9 1.67 2.31 3.50
N GLY A 10 2.57 2.75 4.35
CA GLY A 10 2.17 3.15 5.72
C GLY A 10 1.64 4.59 5.74
N CYS A 11 1.30 5.10 4.60
CA CYS A 11 0.81 6.50 4.53
C CYS A 11 -0.57 6.65 5.21
N PRO A 12 -1.04 7.86 5.29
CA PRO A 12 -2.31 8.22 5.95
C PRO A 12 -3.54 7.80 5.13
N TRP A 13 -3.67 8.29 3.92
CA TRP A 13 -4.87 7.95 3.11
C TRP A 13 -4.77 6.50 2.62
N GLY A 14 -5.74 5.69 2.93
CA GLY A 14 -5.71 4.28 2.48
C GLY A 14 -5.24 3.38 3.62
N GLN A 15 -4.53 2.33 3.29
CA GLN A 15 -4.06 1.39 4.34
C GLN A 15 -2.67 0.87 3.96
N ASN A 16 -2.34 -0.31 4.42
CA ASN A 16 -1.03 -0.91 4.10
C ASN A 16 -1.25 -2.06 3.12
N CYS A 17 -1.71 -1.75 1.95
CA CYS A 17 -1.99 -2.79 0.94
C CYS A 17 -0.72 -3.08 0.13
N TYR A 18 0.35 -2.43 0.48
CA TYR A 18 1.63 -2.61 -0.26
C TYR A 18 2.77 -2.50 0.74
N PRO A 19 2.95 -3.53 1.51
CA PRO A 19 3.99 -3.58 2.56
C PRO A 19 5.38 -3.88 1.99
N GLU A 20 5.47 -4.74 1.01
CA GLU A 20 6.82 -5.07 0.45
C GLU A 20 6.77 -5.25 -1.06
N GLY A 21 6.00 -4.47 -1.76
CA GLY A 21 5.94 -4.62 -3.24
C GLY A 21 4.57 -4.22 -3.74
N CYS A 22 4.55 -3.24 -4.58
CA CYS A 22 3.28 -2.75 -5.18
C CYS A 22 2.42 -3.96 -5.52
N SER A 23 3.04 -4.99 -5.99
CA SER A 23 2.30 -6.22 -6.35
C SER A 23 1.04 -5.85 -7.12
N GLY A 24 1.19 -5.13 -8.20
CA GLY A 24 0.01 -4.72 -9.01
C GLY A 24 -1.13 -4.30 -8.07
N PRO A 25 -2.07 -5.20 -7.87
CA PRO A 25 -3.22 -4.95 -6.98
C PRO A 25 -2.81 -4.98 -5.51
N LYS A 26 -3.75 -5.19 -4.64
CA LYS A 26 -3.45 -5.23 -3.19
C LYS A 26 -2.25 -6.13 -2.94
N VAL A 27 -1.87 -6.27 -1.69
CA VAL A 27 -0.70 -7.12 -1.37
C VAL A 27 -1.09 -8.60 -1.50
N ARG A 1 -9.92 6.35 -1.07
CA ARG A 1 -8.66 5.55 -1.01
C ARG A 1 -8.86 4.35 -0.10
N SER A 2 -7.81 3.67 0.26
CA SER A 2 -7.95 2.49 1.16
C SER A 2 -6.63 1.71 1.24
N CYS A 3 -5.74 1.89 0.30
CA CYS A 3 -4.46 1.15 0.34
C CYS A 3 -3.34 2.05 -0.16
N CYS A 4 -2.69 2.72 0.75
CA CYS A 4 -1.56 3.61 0.39
C CYS A 4 -0.69 2.94 -0.68
N PRO A 5 0.19 3.71 -1.27
CA PRO A 5 1.11 3.19 -2.32
C PRO A 5 2.18 2.29 -1.69
N CYS A 6 2.79 1.45 -2.46
CA CYS A 6 3.81 0.52 -1.91
C CYS A 6 4.90 1.28 -1.14
N TYR A 7 5.75 2.00 -1.82
CA TYR A 7 6.85 2.73 -1.13
C TYR A 7 6.29 3.43 0.11
N TRP A 8 5.18 4.05 -0.03
CA TRP A 8 4.61 4.76 1.12
C TRP A 8 3.27 4.12 1.53
N GLY A 9 3.30 2.88 1.94
CA GLY A 9 2.04 2.19 2.35
C GLY A 9 1.54 2.72 3.70
N GLY A 10 2.42 3.21 4.52
CA GLY A 10 1.98 3.72 5.85
C GLY A 10 1.38 5.12 5.72
N CYS A 11 1.19 5.58 4.52
CA CYS A 11 0.64 6.93 4.30
C CYS A 11 -0.76 7.08 4.95
N PRO A 12 -1.31 8.27 4.86
CA PRO A 12 -2.61 8.61 5.47
C PRO A 12 -3.80 7.99 4.71
N TRP A 13 -3.94 8.29 3.45
CA TRP A 13 -5.11 7.73 2.70
C TRP A 13 -4.88 6.25 2.43
N GLY A 14 -5.73 5.41 2.96
CA GLY A 14 -5.57 3.95 2.74
C GLY A 14 -4.73 3.35 3.87
N GLN A 15 -4.34 2.10 3.74
CA GLN A 15 -3.53 1.48 4.82
C GLN A 15 -2.22 0.92 4.22
N ASN A 16 -1.81 -0.25 4.64
CA ASN A 16 -0.54 -0.84 4.13
C ASN A 16 -0.88 -2.02 3.24
N CYS A 17 -1.43 -1.78 2.09
CA CYS A 17 -1.81 -2.87 1.19
C CYS A 17 -0.64 -3.24 0.28
N TYR A 18 0.43 -2.50 0.36
CA TYR A 18 1.61 -2.79 -0.51
C TYR A 18 2.89 -2.62 0.30
N PRO A 19 3.02 -3.40 1.34
CA PRO A 19 4.20 -3.35 2.22
C PRO A 19 5.38 -4.09 1.58
N GLU A 20 5.12 -5.00 0.68
CA GLU A 20 6.25 -5.75 0.05
C GLU A 20 5.92 -6.06 -1.41
N GLY A 21 5.44 -5.11 -2.15
CA GLY A 21 5.13 -5.35 -3.58
C GLY A 21 4.36 -4.17 -4.16
N CYS A 22 5.00 -3.46 -5.02
CA CYS A 22 4.36 -2.29 -5.66
C CYS A 22 3.28 -2.75 -6.62
N SER A 23 3.28 -4.01 -6.94
CA SER A 23 2.26 -4.55 -7.89
C SER A 23 1.55 -5.75 -7.26
N GLY A 24 2.20 -6.42 -6.34
CA GLY A 24 1.55 -7.60 -5.70
C GLY A 24 0.14 -7.22 -5.26
N PRO A 25 -0.59 -8.18 -4.74
CA PRO A 25 -1.96 -7.98 -4.28
C PRO A 25 -1.96 -7.28 -2.93
N LYS A 26 -3.06 -7.35 -2.23
CA LYS A 26 -3.15 -6.71 -0.90
C LYS A 26 -2.29 -7.49 0.10
N VAL A 27 -2.37 -7.16 1.36
CA VAL A 27 -1.54 -7.88 2.37
C VAL A 27 -2.13 -9.27 2.62
N ARG A 1 -9.43 4.00 -3.34
CA ARG A 1 -8.92 2.74 -2.74
C ARG A 1 -8.28 3.03 -1.39
N SER A 2 -8.58 2.25 -0.39
CA SER A 2 -7.99 2.48 0.96
C SER A 2 -6.71 1.66 1.10
N CYS A 3 -5.76 1.88 0.23
CA CYS A 3 -4.49 1.12 0.30
C CYS A 3 -3.35 2.01 -0.19
N CYS A 4 -2.70 2.68 0.73
CA CYS A 4 -1.57 3.58 0.38
C CYS A 4 -0.69 2.92 -0.69
N PRO A 5 0.19 3.69 -1.29
CA PRO A 5 1.11 3.19 -2.33
C PRO A 5 2.19 2.30 -1.70
N CYS A 6 2.81 1.47 -2.50
CA CYS A 6 3.86 0.55 -1.95
C CYS A 6 4.95 1.33 -1.22
N TYR A 7 5.76 2.06 -1.94
CA TYR A 7 6.85 2.84 -1.30
C TYR A 7 6.34 3.50 -0.03
N TRP A 8 5.13 3.95 -0.07
CA TRP A 8 4.58 4.62 1.12
C TRP A 8 3.26 3.98 1.52
N GLY A 9 3.28 2.74 1.96
CA GLY A 9 2.01 2.04 2.34
C GLY A 9 1.49 2.55 3.70
N GLY A 10 2.36 3.04 4.54
CA GLY A 10 1.91 3.53 5.87
C GLY A 10 1.35 4.95 5.77
N CYS A 11 1.15 5.42 4.57
CA CYS A 11 0.63 6.80 4.38
C CYS A 11 -0.76 6.96 5.02
N PRO A 12 -1.28 8.17 4.97
CA PRO A 12 -2.58 8.52 5.58
C PRO A 12 -3.77 7.98 4.77
N TRP A 13 -3.89 8.35 3.52
CA TRP A 13 -5.06 7.84 2.74
C TRP A 13 -4.84 6.37 2.41
N GLY A 14 -5.72 5.52 2.86
CA GLY A 14 -5.56 4.07 2.58
C GLY A 14 -4.80 3.40 3.72
N GLN A 15 -4.55 2.13 3.61
CA GLN A 15 -3.82 1.40 4.68
C GLN A 15 -2.43 0.98 4.17
N ASN A 16 -1.95 -0.14 4.62
CA ASN A 16 -0.62 -0.64 4.18
C ASN A 16 -0.85 -1.84 3.27
N CYS A 17 -1.43 -1.61 2.13
CA CYS A 17 -1.73 -2.74 1.22
C CYS A 17 -0.55 -3.00 0.29
N TYR A 18 0.58 -2.45 0.56
CA TYR A 18 1.74 -2.70 -0.35
C TYR A 18 3.04 -2.52 0.42
N PRO A 19 3.24 -3.36 1.40
CA PRO A 19 4.44 -3.32 2.24
C PRO A 19 5.62 -4.00 1.52
N GLU A 20 5.34 -4.99 0.72
CA GLU A 20 6.44 -5.70 -0.01
C GLU A 20 5.99 -6.07 -1.43
N GLY A 21 5.47 -5.12 -2.16
CA GLY A 21 5.02 -5.40 -3.55
C GLY A 21 4.25 -4.21 -4.09
N CYS A 22 4.84 -3.55 -5.02
CA CYS A 22 4.18 -2.36 -5.64
C CYS A 22 3.00 -2.81 -6.49
N SER A 23 2.95 -4.06 -6.81
CA SER A 23 1.82 -4.55 -7.64
C SER A 23 1.31 -5.87 -7.04
N GLY A 24 1.79 -6.99 -7.54
CA GLY A 24 1.37 -8.34 -7.04
C GLY A 24 0.10 -8.23 -6.18
N PRO A 25 0.15 -8.79 -5.00
CA PRO A 25 -0.96 -8.72 -4.05
C PRO A 25 -0.89 -7.38 -3.33
N LYS A 26 -1.46 -7.27 -2.18
CA LYS A 26 -1.39 -5.99 -1.45
C LYS A 26 -1.01 -6.26 0.02
N VAL A 27 -1.52 -7.31 0.59
CA VAL A 27 -1.15 -7.63 2.01
C VAL A 27 -1.10 -9.15 2.19
N ARG A 1 -9.84 -0.41 -1.70
CA ARG A 1 -10.45 0.68 -0.90
C ARG A 1 -9.35 1.58 -0.32
N SER A 2 -8.90 1.29 0.86
CA SER A 2 -7.82 2.12 1.48
C SER A 2 -6.48 1.40 1.34
N CYS A 3 -5.67 1.78 0.39
CA CYS A 3 -4.38 1.10 0.18
C CYS A 3 -3.31 2.11 -0.23
N CYS A 4 -2.65 2.68 0.74
CA CYS A 4 -1.56 3.65 0.46
C CYS A 4 -0.70 3.11 -0.70
N PRO A 5 0.16 3.93 -1.23
CA PRO A 5 1.06 3.52 -2.33
C PRO A 5 2.14 2.57 -1.83
N CYS A 6 2.59 1.68 -2.66
CA CYS A 6 3.61 0.68 -2.23
C CYS A 6 4.86 1.39 -1.68
N TYR A 7 5.34 2.39 -2.34
CA TYR A 7 6.55 3.10 -1.83
C TYR A 7 6.23 3.64 -0.45
N TRP A 8 5.02 4.07 -0.27
CA TRP A 8 4.63 4.62 1.04
C TRP A 8 3.31 3.99 1.49
N GLY A 9 3.32 2.72 1.83
CA GLY A 9 2.08 2.02 2.26
C GLY A 9 1.62 2.46 3.65
N GLY A 10 2.53 2.90 4.48
CA GLY A 10 2.14 3.32 5.86
C GLY A 10 1.61 4.77 5.84
N CYS A 11 1.29 5.26 4.69
CA CYS A 11 0.80 6.65 4.58
C CYS A 11 -0.60 6.80 5.22
N PRO A 12 -1.09 8.03 5.25
CA PRO A 12 -2.39 8.36 5.88
C PRO A 12 -3.58 7.89 5.04
N TRP A 13 -3.72 8.36 3.82
CA TRP A 13 -4.88 7.92 3.01
C TRP A 13 -4.66 6.47 2.56
N GLY A 14 -5.57 5.60 2.88
CA GLY A 14 -5.42 4.19 2.45
C GLY A 14 -4.86 3.35 3.60
N GLN A 15 -4.42 2.16 3.31
CA GLN A 15 -3.87 1.29 4.37
C GLN A 15 -2.49 0.76 3.94
N ASN A 16 -2.15 -0.43 4.36
CA ASN A 16 -0.87 -1.03 4.00
C ASN A 16 -1.12 -2.16 3.00
N CYS A 17 -1.61 -1.82 1.85
CA CYS A 17 -1.93 -2.85 0.84
C CYS A 17 -0.70 -3.15 -0.01
N TYR A 18 0.37 -2.43 0.19
CA TYR A 18 1.59 -2.66 -0.62
C TYR A 18 2.84 -2.35 0.22
N PRO A 19 3.00 -3.10 1.29
CA PRO A 19 4.14 -2.93 2.21
C PRO A 19 5.39 -3.64 1.69
N GLU A 20 5.24 -4.80 1.11
CA GLU A 20 6.44 -5.55 0.63
C GLU A 20 6.34 -5.86 -0.87
N GLY A 21 5.78 -4.98 -1.65
CA GLY A 21 5.69 -5.24 -3.10
C GLY A 21 4.53 -4.46 -3.72
N CYS A 22 4.87 -3.54 -4.55
CA CYS A 22 3.86 -2.72 -5.23
C CYS A 22 2.91 -3.63 -5.99
N SER A 23 3.45 -4.61 -6.62
CA SER A 23 2.63 -5.57 -7.40
C SER A 23 2.00 -6.60 -6.46
N GLY A 24 2.76 -7.08 -5.50
CA GLY A 24 2.22 -8.09 -4.56
C GLY A 24 0.82 -7.66 -4.12
N PRO A 25 0.11 -8.57 -3.50
CA PRO A 25 -1.26 -8.31 -3.03
C PRO A 25 -1.24 -7.50 -1.74
N LYS A 26 -2.31 -7.55 -1.00
CA LYS A 26 -2.38 -6.79 0.28
C LYS A 26 -1.44 -7.42 1.30
N VAL A 27 -1.33 -6.80 2.45
CA VAL A 27 -0.44 -7.36 3.50
C VAL A 27 -1.11 -8.57 4.16
N ARG A 1 -10.03 -1.53 0.70
CA ARG A 1 -10.48 -0.43 1.60
C ARG A 1 -9.29 0.51 1.89
N SER A 2 -9.05 1.45 1.02
CA SER A 2 -7.92 2.38 1.24
C SER A 2 -6.60 1.60 1.28
N CYS A 3 -5.74 1.82 0.32
CA CYS A 3 -4.45 1.11 0.28
C CYS A 3 -3.37 2.06 -0.24
N CYS A 4 -2.72 2.73 0.66
CA CYS A 4 -1.65 3.69 0.30
C CYS A 4 -0.74 3.05 -0.77
N PRO A 5 0.14 3.83 -1.35
CA PRO A 5 1.07 3.33 -2.38
C PRO A 5 2.15 2.44 -1.76
N CYS A 6 2.75 1.59 -2.55
CA CYS A 6 3.79 0.68 -2.00
C CYS A 6 4.97 1.48 -1.44
N TYR A 7 5.46 2.44 -2.18
CA TYR A 7 6.60 3.24 -1.65
C TYR A 7 6.19 3.78 -0.29
N TRP A 8 4.93 4.02 -0.13
CA TRP A 8 4.45 4.56 1.16
C TRP A 8 3.13 3.87 1.54
N GLY A 9 3.19 2.65 1.99
CA GLY A 9 1.93 1.93 2.36
C GLY A 9 1.39 2.40 3.72
N GLY A 10 2.24 2.88 4.57
CA GLY A 10 1.76 3.33 5.92
C GLY A 10 1.27 4.78 5.87
N CYS A 11 0.84 5.22 4.75
CA CYS A 11 0.37 6.63 4.61
C CYS A 11 -1.04 6.81 5.22
N PRO A 12 -1.46 8.06 5.27
CA PRO A 12 -2.75 8.47 5.89
C PRO A 12 -3.99 8.14 5.02
N TRP A 13 -4.03 8.60 3.80
CA TRP A 13 -5.24 8.35 2.95
C TRP A 13 -5.33 6.91 2.46
N GLY A 14 -4.79 5.96 3.17
CA GLY A 14 -4.89 4.56 2.67
C GLY A 14 -4.27 3.60 3.68
N GLN A 15 -4.28 2.33 3.38
CA GLN A 15 -3.70 1.32 4.31
C GLN A 15 -2.32 0.91 3.81
N ASN A 16 -1.80 -0.19 4.31
CA ASN A 16 -0.48 -0.67 3.87
C ASN A 16 -0.70 -1.89 2.99
N CYS A 17 -1.31 -1.68 1.87
CA CYS A 17 -1.63 -2.79 0.96
C CYS A 17 -0.46 -3.05 0.01
N TYR A 18 0.66 -2.43 0.25
CA TYR A 18 1.82 -2.64 -0.65
C TYR A 18 3.12 -2.47 0.12
N PRO A 19 3.33 -3.33 1.10
CA PRO A 19 4.52 -3.30 1.95
C PRO A 19 5.71 -3.96 1.24
N GLU A 20 5.60 -5.24 0.94
CA GLU A 20 6.72 -5.95 0.27
C GLU A 20 6.33 -6.31 -1.16
N GLY A 21 5.61 -5.45 -1.83
CA GLY A 21 5.22 -5.73 -3.23
C GLY A 21 4.24 -4.68 -3.71
N CYS A 22 4.73 -3.81 -4.52
CA CYS A 22 3.90 -2.71 -5.07
C CYS A 22 2.75 -3.26 -5.90
N SER A 23 2.98 -4.36 -6.55
CA SER A 23 1.93 -4.95 -7.40
C SER A 23 1.24 -6.09 -6.64
N GLY A 24 1.77 -7.29 -6.76
CA GLY A 24 1.17 -8.46 -6.05
C GLY A 24 -0.36 -8.29 -5.96
N PRO A 25 -0.94 -8.83 -4.91
CA PRO A 25 -2.38 -8.72 -4.67
C PRO A 25 -2.69 -7.35 -4.10
N LYS A 26 -3.87 -7.15 -3.57
CA LYS A 26 -4.17 -5.83 -2.98
C LYS A 26 -3.03 -5.47 -2.02
N VAL A 27 -2.80 -6.30 -1.04
CA VAL A 27 -1.72 -6.04 -0.06
C VAL A 27 -0.36 -6.34 -0.71
N ARG A 1 -8.08 6.90 -3.95
CA ARG A 1 -8.10 5.43 -3.74
C ARG A 1 -7.51 5.09 -2.36
N SER A 2 -7.89 3.98 -1.80
CA SER A 2 -7.35 3.60 -0.46
C SER A 2 -5.98 2.93 -0.64
N CYS A 3 -5.68 1.95 0.17
CA CYS A 3 -4.40 1.23 0.07
C CYS A 3 -3.28 2.17 -0.39
N CYS A 4 -2.61 2.76 0.55
CA CYS A 4 -1.49 3.68 0.23
C CYS A 4 -0.64 3.07 -0.89
N PRO A 5 0.25 3.85 -1.46
CA PRO A 5 1.14 3.39 -2.54
C PRO A 5 2.28 2.53 -1.97
N CYS A 6 2.72 1.54 -2.70
CA CYS A 6 3.83 0.66 -2.21
C CYS A 6 4.96 1.51 -1.62
N TYR A 7 5.59 2.30 -2.44
CA TYR A 7 6.72 3.16 -1.93
C TYR A 7 6.35 3.70 -0.56
N TRP A 8 5.10 4.03 -0.39
CA TRP A 8 4.66 4.57 0.90
C TRP A 8 3.35 3.91 1.32
N GLY A 9 3.38 2.65 1.68
CA GLY A 9 2.13 1.93 2.07
C GLY A 9 1.67 2.34 3.47
N GLY A 10 2.57 2.76 4.31
CA GLY A 10 2.16 3.15 5.69
C GLY A 10 1.63 4.59 5.72
N CYS A 11 1.31 5.12 4.58
CA CYS A 11 0.81 6.51 4.51
C CYS A 11 -0.56 6.64 5.20
N PRO A 12 -1.04 7.86 5.28
CA PRO A 12 -2.33 8.20 5.95
C PRO A 12 -3.55 7.78 5.12
N TRP A 13 -3.69 8.26 3.92
CA TRP A 13 -4.89 7.90 3.12
C TRP A 13 -4.78 6.45 2.64
N GLY A 14 -5.74 5.64 2.97
CA GLY A 14 -5.70 4.22 2.54
C GLY A 14 -5.18 3.34 3.68
N GLN A 15 -4.49 2.29 3.35
CA GLN A 15 -3.96 1.38 4.40
C GLN A 15 -2.58 0.86 3.98
N ASN A 16 -2.25 -0.33 4.41
CA ASN A 16 -0.94 -0.92 4.07
C ASN A 16 -1.16 -2.06 3.07
N CYS A 17 -1.66 -1.75 1.93
CA CYS A 17 -1.94 -2.79 0.92
C CYS A 17 -0.68 -3.04 0.08
N TYR A 18 0.41 -2.45 0.47
CA TYR A 18 1.68 -2.63 -0.28
C TYR A 18 2.85 -2.54 0.71
N PRO A 19 2.89 -3.49 1.60
CA PRO A 19 3.91 -3.54 2.65
C PRO A 19 5.24 -4.11 2.13
N GLU A 20 5.24 -4.77 1.00
CA GLU A 20 6.52 -5.34 0.50
C GLU A 20 6.55 -5.40 -1.03
N GLY A 21 5.98 -4.43 -1.70
CA GLY A 21 6.01 -4.46 -3.17
C GLY A 21 4.64 -4.12 -3.72
N CYS A 22 4.60 -3.13 -4.54
CA CYS A 22 3.33 -2.70 -5.18
C CYS A 22 2.46 -3.92 -5.47
N SER A 23 3.10 -4.99 -5.79
CA SER A 23 2.36 -6.25 -6.09
C SER A 23 1.19 -5.94 -7.01
N GLY A 24 1.47 -5.40 -8.16
CA GLY A 24 0.37 -5.08 -9.12
C GLY A 24 -0.79 -4.43 -8.36
N PRO A 25 -1.82 -5.22 -8.11
CA PRO A 25 -3.01 -4.75 -7.38
C PRO A 25 -2.73 -4.63 -5.89
N LYS A 26 -3.77 -4.61 -5.10
CA LYS A 26 -3.64 -4.49 -3.63
C LYS A 26 -2.64 -5.53 -3.11
N VAL A 27 -2.51 -5.65 -1.82
CA VAL A 27 -1.56 -6.64 -1.25
C VAL A 27 -2.12 -8.05 -1.43
N ARG A 1 -10.14 3.26 -3.40
CA ARG A 1 -9.54 2.14 -2.63
C ARG A 1 -8.69 2.69 -1.49
N SER A 2 -8.87 2.18 -0.30
CA SER A 2 -8.07 2.69 0.86
C SER A 2 -6.83 1.81 1.06
N CYS A 3 -5.84 1.98 0.25
CA CYS A 3 -4.61 1.18 0.37
C CYS A 3 -3.43 1.99 -0.13
N CYS A 4 -2.73 2.64 0.78
CA CYS A 4 -1.55 3.47 0.42
C CYS A 4 -0.75 2.78 -0.70
N PRO A 5 0.14 3.53 -1.31
CA PRO A 5 0.99 3.01 -2.41
C PRO A 5 2.04 2.03 -1.88
N CYS A 6 2.76 1.40 -2.77
CA CYS A 6 3.79 0.41 -2.34
C CYS A 6 4.98 1.08 -1.64
N TYR A 7 5.52 2.13 -2.21
CA TYR A 7 6.67 2.79 -1.55
C TYR A 7 6.23 3.41 -0.25
N TRP A 8 5.01 3.82 -0.16
CA TRP A 8 4.56 4.44 1.09
C TRP A 8 3.23 3.83 1.53
N GLY A 9 3.23 2.58 1.92
CA GLY A 9 1.96 1.91 2.35
C GLY A 9 1.51 2.41 3.73
N GLY A 10 2.41 2.86 4.55
CA GLY A 10 2.01 3.35 5.91
C GLY A 10 1.50 4.78 5.83
N CYS A 11 1.22 5.25 4.65
CA CYS A 11 0.73 6.64 4.48
C CYS A 11 -0.66 6.82 5.12
N PRO A 12 -1.13 8.06 5.11
CA PRO A 12 -2.42 8.44 5.73
C PRO A 12 -3.63 7.95 4.91
N TRP A 13 -3.75 8.35 3.67
CA TRP A 13 -4.93 7.89 2.88
C TRP A 13 -4.76 6.43 2.52
N GLY A 14 -5.69 5.60 2.92
CA GLY A 14 -5.58 4.16 2.62
C GLY A 14 -4.81 3.47 3.73
N GLN A 15 -4.69 2.18 3.69
CA GLN A 15 -3.95 1.46 4.75
C GLN A 15 -2.57 1.05 4.21
N ASN A 16 -2.05 -0.03 4.70
CA ASN A 16 -0.74 -0.52 4.23
C ASN A 16 -0.99 -1.78 3.40
N CYS A 17 -1.58 -1.60 2.26
CA CYS A 17 -1.91 -2.75 1.40
C CYS A 17 -0.73 -3.07 0.50
N TYR A 18 0.23 -2.22 0.45
CA TYR A 18 1.42 -2.45 -0.40
C TYR A 18 2.70 -2.19 0.40
N PRO A 19 3.04 -3.12 1.24
CA PRO A 19 4.25 -3.03 2.08
C PRO A 19 5.50 -3.32 1.25
N GLU A 20 5.47 -4.38 0.49
CA GLU A 20 6.63 -4.72 -0.38
C GLU A 20 6.11 -5.31 -1.68
N GLY A 21 4.85 -5.11 -1.97
CA GLY A 21 4.26 -5.65 -3.22
C GLY A 21 4.34 -4.62 -4.33
N CYS A 22 5.28 -3.76 -4.23
CA CYS A 22 5.47 -2.69 -5.24
C CYS A 22 5.15 -3.22 -6.64
N SER A 23 5.39 -4.47 -6.84
CA SER A 23 5.11 -5.08 -8.17
C SER A 23 4.20 -6.30 -8.00
N GLY A 24 4.29 -6.97 -6.88
CA GLY A 24 3.43 -8.17 -6.66
C GLY A 24 1.96 -7.72 -6.58
N PRO A 25 1.19 -8.44 -5.81
CA PRO A 25 -0.25 -8.16 -5.64
C PRO A 25 -0.45 -6.99 -4.68
N LYS A 26 -1.62 -6.87 -4.14
CA LYS A 26 -1.90 -5.77 -3.19
C LYS A 26 -0.81 -5.74 -2.12
N VAL A 27 -0.85 -6.64 -1.17
CA VAL A 27 0.20 -6.65 -0.11
C VAL A 27 1.27 -7.70 -0.46
N ARG A 1 -6.80 6.44 -1.00
CA ARG A 1 -8.19 5.97 -0.80
C ARG A 1 -8.23 4.92 0.29
N SER A 2 -7.89 3.70 -0.03
CA SER A 2 -7.91 2.62 1.00
C SER A 2 -6.60 1.83 0.95
N CYS A 3 -5.73 2.18 0.04
CA CYS A 3 -4.44 1.44 -0.07
C CYS A 3 -3.35 2.39 -0.55
N CYS A 4 -2.66 3.00 0.36
CA CYS A 4 -1.56 3.91 0.01
C CYS A 4 -0.74 3.28 -1.12
N PRO A 5 0.11 4.03 -1.75
CA PRO A 5 0.93 3.50 -2.85
C PRO A 5 1.89 2.44 -2.30
N CYS A 6 2.29 1.50 -3.11
CA CYS A 6 3.19 0.43 -2.61
C CYS A 6 4.48 1.04 -2.07
N TYR A 7 5.04 1.99 -2.76
CA TYR A 7 6.28 2.61 -2.26
C TYR A 7 6.00 3.17 -0.87
N TRP A 8 4.77 3.53 -0.64
CA TRP A 8 4.42 4.09 0.69
C TRP A 8 3.11 3.47 1.18
N GLY A 9 3.13 2.22 1.59
CA GLY A 9 1.88 1.56 2.08
C GLY A 9 1.55 1.97 3.52
N GLY A 10 2.53 2.37 4.28
CA GLY A 10 2.28 2.76 5.69
C GLY A 10 1.82 4.22 5.77
N CYS A 11 1.41 4.77 4.67
CA CYS A 11 0.98 6.20 4.68
C CYS A 11 -0.27 6.39 5.56
N PRO A 12 -0.66 7.65 5.72
CA PRO A 12 -1.81 8.03 6.56
C PRO A 12 -3.15 7.67 5.92
N TRP A 13 -3.44 8.17 4.74
CA TRP A 13 -4.74 7.84 4.11
C TRP A 13 -4.71 6.40 3.62
N GLY A 14 -5.67 6.01 2.82
CA GLY A 14 -5.70 4.61 2.30
C GLY A 14 -5.25 3.64 3.39
N GLN A 15 -4.63 2.56 2.99
CA GLN A 15 -4.14 1.56 3.98
C GLN A 15 -2.76 1.04 3.57
N ASN A 16 -2.40 -0.12 4.05
CA ASN A 16 -1.09 -0.72 3.71
C ASN A 16 -1.34 -1.91 2.79
N CYS A 17 -1.74 -1.64 1.59
CA CYS A 17 -2.06 -2.73 0.63
C CYS A 17 -0.82 -3.17 -0.14
N TYR A 18 0.29 -2.54 0.11
CA TYR A 18 1.58 -2.94 -0.56
C TYR A 18 2.72 -2.27 0.19
N PRO A 19 3.04 -2.84 1.33
CA PRO A 19 4.09 -2.32 2.22
C PRO A 19 5.48 -2.79 1.79
N GLU A 20 5.68 -4.07 1.65
CA GLU A 20 7.03 -4.58 1.27
C GLU A 20 7.16 -4.76 -0.24
N GLY A 21 6.29 -4.21 -1.03
CA GLY A 21 6.43 -4.37 -2.49
C GLY A 21 5.08 -4.35 -3.15
N CYS A 22 4.92 -3.42 -4.03
CA CYS A 22 3.63 -3.27 -4.79
C CYS A 22 3.08 -4.65 -5.09
N SER A 23 3.94 -5.50 -5.54
CA SER A 23 3.54 -6.90 -5.86
C SER A 23 2.24 -6.92 -6.66
N GLY A 24 2.04 -5.97 -7.54
CA GLY A 24 0.79 -5.95 -8.35
C GLY A 24 -0.37 -5.42 -7.51
N PRO A 25 -1.32 -6.29 -7.21
CA PRO A 25 -2.51 -5.91 -6.42
C PRO A 25 -2.16 -5.76 -4.94
N LYS A 26 -3.13 -5.88 -4.09
CA LYS A 26 -2.90 -5.74 -2.62
C LYS A 26 -1.68 -6.54 -2.20
N VAL A 27 -1.32 -6.48 -0.96
CA VAL A 27 -0.14 -7.23 -0.47
C VAL A 27 -0.48 -8.72 -0.38
N ARG A 1 -8.11 5.26 -4.25
CA ARG A 1 -8.74 4.29 -3.33
C ARG A 1 -7.93 4.23 -2.02
N SER A 2 -8.25 3.30 -1.16
CA SER A 2 -7.51 3.19 0.13
C SER A 2 -6.14 2.55 -0.12
N CYS A 3 -5.74 1.63 0.72
CA CYS A 3 -4.43 0.95 0.54
C CYS A 3 -3.39 1.90 -0.03
N CYS A 4 -2.62 2.48 0.84
CA CYS A 4 -1.56 3.43 0.42
C CYS A 4 -0.69 2.76 -0.65
N PRO A 5 0.19 3.52 -1.26
CA PRO A 5 1.08 3.00 -2.31
C PRO A 5 2.17 2.10 -1.72
N CYS A 6 2.85 1.36 -2.57
CA CYS A 6 3.91 0.43 -2.09
C CYS A 6 5.04 1.21 -1.41
N TYR A 7 5.47 2.29 -2.00
CA TYR A 7 6.58 3.09 -1.40
C TYR A 7 6.13 3.73 -0.11
N TRP A 8 4.89 4.10 -0.03
CA TRP A 8 4.42 4.76 1.21
C TRP A 8 3.18 4.05 1.75
N GLY A 9 3.31 2.82 2.18
CA GLY A 9 2.13 2.07 2.71
C GLY A 9 1.60 2.70 4.01
N GLY A 10 2.44 3.33 4.78
CA GLY A 10 1.96 3.92 6.06
C GLY A 10 1.39 5.32 5.85
N CYS A 11 0.85 5.58 4.70
CA CYS A 11 0.30 6.93 4.42
C CYS A 11 -1.13 7.10 5.00
N PRO A 12 -1.62 8.31 4.94
CA PRO A 12 -2.95 8.70 5.50
C PRO A 12 -4.14 8.23 4.66
N TRP A 13 -4.18 8.55 3.40
CA TRP A 13 -5.37 8.16 2.57
C TRP A 13 -5.36 6.66 2.24
N GLY A 14 -4.70 5.84 2.99
CA GLY A 14 -4.71 4.39 2.66
C GLY A 14 -4.13 3.59 3.83
N GLN A 15 -3.97 2.31 3.64
CA GLN A 15 -3.42 1.46 4.73
C GLN A 15 -2.10 0.85 4.26
N ASN A 16 -1.78 -0.31 4.73
CA ASN A 16 -0.52 -0.97 4.33
C ASN A 16 -0.85 -2.14 3.42
N CYS A 17 -1.45 -1.89 2.30
CA CYS A 17 -1.83 -2.99 1.39
C CYS A 17 -0.65 -3.30 0.48
N TYR A 18 0.25 -2.37 0.35
CA TYR A 18 1.43 -2.59 -0.53
C TYR A 18 2.72 -2.56 0.31
N PRO A 19 2.91 -3.59 1.09
CA PRO A 19 4.11 -3.72 1.95
C PRO A 19 5.33 -4.08 1.11
N GLU A 20 5.18 -5.01 0.21
CA GLU A 20 6.32 -5.42 -0.65
C GLU A 20 5.80 -5.78 -2.04
N GLY A 21 4.59 -5.39 -2.34
CA GLY A 21 4.01 -5.70 -3.67
C GLY A 21 4.25 -4.54 -4.62
N CYS A 22 5.25 -3.79 -4.33
CA CYS A 22 5.61 -2.61 -5.17
C CYS A 22 5.37 -2.89 -6.65
N SER A 23 5.48 -4.11 -7.05
CA SER A 23 5.28 -4.45 -8.49
C SER A 23 4.03 -5.31 -8.68
N GLY A 24 4.08 -6.56 -8.31
CA GLY A 24 2.89 -7.44 -8.49
C GLY A 24 1.69 -6.88 -7.72
N PRO A 25 1.04 -7.73 -6.96
CA PRO A 25 -0.14 -7.34 -6.17
C PRO A 25 0.32 -6.55 -4.95
N LYS A 26 -0.49 -6.48 -3.93
CA LYS A 26 -0.10 -5.72 -2.73
C LYS A 26 -0.50 -6.50 -1.46
N VAL A 27 -1.62 -7.17 -1.47
CA VAL A 27 -2.02 -7.95 -0.27
C VAL A 27 -2.23 -9.42 -0.66
N ARG A 1 -6.82 5.29 -4.09
CA ARG A 1 -7.92 5.19 -3.09
C ARG A 1 -7.61 4.06 -2.11
N SER A 2 -7.73 4.31 -0.83
CA SER A 2 -7.44 3.25 0.17
C SER A 2 -6.07 2.63 -0.11
N CYS A 3 -5.63 1.74 0.74
CA CYS A 3 -4.32 1.07 0.54
C CYS A 3 -3.32 2.02 -0.11
N CYS A 4 -2.58 2.71 0.71
CA CYS A 4 -1.55 3.65 0.21
C CYS A 4 -0.69 2.92 -0.84
N PRO A 5 0.21 3.62 -1.48
CA PRO A 5 1.09 3.02 -2.51
C PRO A 5 2.15 2.13 -1.87
N CYS A 6 2.80 1.32 -2.67
CA CYS A 6 3.83 0.38 -2.13
C CYS A 6 4.92 1.14 -1.38
N TYR A 7 5.44 2.20 -1.94
CA TYR A 7 6.52 2.95 -1.23
C TYR A 7 6.00 3.54 0.07
N TRP A 8 4.80 4.03 0.06
CA TRP A 8 4.28 4.65 1.28
C TRP A 8 3.04 3.88 1.77
N GLY A 9 3.20 2.64 2.12
CA GLY A 9 2.02 1.83 2.58
C GLY A 9 1.56 2.26 3.99
N GLY A 10 2.12 3.30 4.54
CA GLY A 10 1.69 3.74 5.89
C GLY A 10 1.18 5.17 5.83
N CYS A 11 0.68 5.56 4.70
CA CYS A 11 0.21 6.95 4.52
C CYS A 11 -1.21 7.15 5.12
N PRO A 12 -1.67 8.39 5.06
CA PRO A 12 -2.97 8.79 5.64
C PRO A 12 -4.18 8.36 4.78
N TRP A 13 -4.17 8.63 3.50
CA TRP A 13 -5.35 8.25 2.66
C TRP A 13 -5.35 6.77 2.31
N GLY A 14 -4.89 5.92 3.18
CA GLY A 14 -4.90 4.47 2.84
C GLY A 14 -4.25 3.65 3.96
N GLN A 15 -3.89 2.43 3.67
CA GLN A 15 -3.27 1.57 4.70
C GLN A 15 -1.96 0.97 4.17
N ASN A 16 -1.59 -0.18 4.66
CA ASN A 16 -0.34 -0.84 4.22
C ASN A 16 -0.70 -2.06 3.37
N CYS A 17 -1.31 -1.84 2.26
CA CYS A 17 -1.72 -2.96 1.39
C CYS A 17 -0.57 -3.32 0.45
N TYR A 18 0.43 -2.50 0.39
CA TYR A 18 1.58 -2.77 -0.51
C TYR A 18 2.89 -2.62 0.26
N PRO A 19 3.17 -3.58 1.11
CA PRO A 19 4.39 -3.58 1.93
C PRO A 19 5.58 -4.03 1.07
N GLU A 20 5.36 -5.01 0.24
CA GLU A 20 6.45 -5.51 -0.65
C GLU A 20 5.84 -5.84 -2.02
N GLY A 21 4.64 -5.42 -2.26
CA GLY A 21 3.98 -5.71 -3.55
C GLY A 21 4.17 -4.55 -4.51
N CYS A 22 5.21 -3.82 -4.30
CA CYS A 22 5.53 -2.66 -5.16
C CYS A 22 5.20 -2.98 -6.62
N SER A 23 5.30 -4.21 -6.97
CA SER A 23 5.00 -4.63 -8.37
C SER A 23 4.43 -6.05 -8.36
N GLY A 24 3.38 -6.27 -7.60
CA GLY A 24 2.78 -7.63 -7.55
C GLY A 24 1.32 -7.52 -7.09
N PRO A 25 0.94 -8.33 -6.14
CA PRO A 25 -0.43 -8.34 -5.60
C PRO A 25 -0.63 -7.20 -4.61
N LYS A 26 -1.63 -7.31 -3.78
CA LYS A 26 -1.89 -6.26 -2.79
C LYS A 26 -1.87 -6.87 -1.37
N VAL A 27 -0.72 -6.94 -0.77
CA VAL A 27 -0.64 -7.52 0.60
C VAL A 27 0.59 -6.97 1.32
N ARG A 1 -9.13 -0.64 -1.94
CA ARG A 1 -9.67 0.73 -2.13
C ARG A 1 -8.60 1.75 -1.74
N SER A 2 -8.58 2.16 -0.50
CA SER A 2 -7.56 3.15 -0.07
C SER A 2 -6.16 2.58 -0.30
N CYS A 3 -5.72 1.68 0.55
CA CYS A 3 -4.38 1.06 0.40
C CYS A 3 -3.38 2.06 -0.19
N CYS A 4 -2.64 2.67 0.68
CA CYS A 4 -1.61 3.65 0.24
C CYS A 4 -0.68 2.95 -0.76
N PRO A 5 0.17 3.70 -1.42
CA PRO A 5 1.11 3.13 -2.41
C PRO A 5 2.22 2.33 -1.72
N CYS A 6 2.81 1.40 -2.42
CA CYS A 6 3.88 0.55 -1.82
C CYS A 6 4.91 1.41 -1.08
N TYR A 7 5.71 2.15 -1.80
CA TYR A 7 6.76 2.98 -1.12
C TYR A 7 6.18 3.62 0.12
N TRP A 8 4.93 3.96 0.08
CA TRP A 8 4.33 4.60 1.26
C TRP A 8 3.08 3.83 1.68
N GLY A 9 3.23 2.62 2.14
CA GLY A 9 2.04 1.81 2.56
C GLY A 9 1.54 2.23 3.94
N GLY A 10 2.10 3.27 4.51
CA GLY A 10 1.65 3.71 5.85
C GLY A 10 1.15 5.15 5.77
N CYS A 11 0.70 5.54 4.63
CA CYS A 11 0.23 6.93 4.44
C CYS A 11 -1.18 7.13 5.06
N PRO A 12 -1.65 8.36 5.00
CA PRO A 12 -2.95 8.76 5.58
C PRO A 12 -4.16 8.32 4.75
N TRP A 13 -4.19 8.63 3.49
CA TRP A 13 -5.37 8.24 2.66
C TRP A 13 -5.35 6.76 2.28
N GLY A 14 -4.80 5.90 3.10
CA GLY A 14 -4.80 4.46 2.72
C GLY A 14 -4.14 3.62 3.81
N GLN A 15 -3.92 2.36 3.54
CA GLN A 15 -3.29 1.47 4.56
C GLN A 15 -1.96 0.92 4.02
N ASN A 16 -1.58 -0.23 4.48
CA ASN A 16 -0.32 -0.86 4.03
C ASN A 16 -0.64 -2.06 3.14
N CYS A 17 -1.25 -1.81 2.03
CA CYS A 17 -1.63 -2.92 1.12
C CYS A 17 -0.49 -3.24 0.18
N TYR A 18 0.64 -2.60 0.35
CA TYR A 18 1.78 -2.86 -0.56
C TYR A 18 3.10 -2.70 0.21
N PRO A 19 3.27 -3.54 1.21
CA PRO A 19 4.48 -3.52 2.05
C PRO A 19 5.64 -4.22 1.33
N GLU A 20 5.36 -5.28 0.62
CA GLU A 20 6.45 -6.01 -0.10
C GLU A 20 6.00 -6.28 -1.53
N GLY A 21 5.51 -5.28 -2.22
CA GLY A 21 5.05 -5.49 -3.62
C GLY A 21 4.21 -4.30 -4.04
N CYS A 22 4.74 -3.56 -4.95
CA CYS A 22 4.02 -2.36 -5.48
C CYS A 22 2.77 -2.82 -6.20
N SER A 23 2.94 -3.22 -7.42
CA SER A 23 1.77 -3.69 -8.22
C SER A 23 1.29 -5.04 -7.69
N GLY A 24 2.03 -5.62 -6.78
CA GLY A 24 1.62 -6.93 -6.21
C GLY A 24 0.18 -6.83 -5.70
N PRO A 25 -0.26 -7.89 -5.05
CA PRO A 25 -1.62 -7.95 -4.49
C PRO A 25 -1.70 -7.19 -3.18
N LYS A 26 -2.69 -7.49 -2.39
CA LYS A 26 -2.86 -6.81 -1.09
C LYS A 26 -2.10 -7.58 0.00
N VAL A 27 -2.07 -7.06 1.19
CA VAL A 27 -1.35 -7.76 2.29
C VAL A 27 -2.16 -8.98 2.75
#